data_5Z9T
#
_entry.id   5Z9T
#
_cell.length_a   106.086
_cell.length_b   106.086
_cell.length_c   101.894
_cell.angle_alpha   90.00
_cell.angle_beta   90.00
_cell.angle_gamma   120.00
#
_symmetry.space_group_name_H-M   'P 31'
#
loop_
_entity.id
_entity.type
_entity.pdbx_description
1 polymer 'alginate lyase AlyF-OU02'
2 branched 'alpha-L-gulopyranuronic acid-(1-4)-alpha-L-gulopyranuronic acid-(1-4)-alpha-L-gulopyranuronic acid'
3 non-polymer 'SODIUM ION'
4 non-polymer 'MALONATE ION'
5 non-polymer GLYCEROL
6 water water
#
_entity_poly.entity_id   1
_entity_poly.type   'polypeptide(L)'
_entity_poly.pdbx_seq_one_letter_code
;GPPDLGTDDDDKAMADIASCTTQEKTAPVISVAEQAVPSISEIDRSYLLSSDRLTEVDGNTLDVASEEQVAALKAQFENL
KDGDEVVIPNGKYANLGQVTITANDVTIRAEQAGAAWLTGLIQFELKGDDITLDGLVFTEGGPNERFGAVRMMGNGNTLQ
NSTFYYFNHDYTYEPDERRSEYPKYLWVSLWGKDGKVINNRFEGKQKRGTLIGVQKDDTPDNHLIANNIFMDQKPNQFNE
FDIKEAIRYNGNSWEAIRIGDSKSSQWDSSSKFVNNLMIDMDGERELISIKSGDNTISGNTIFQSAALISLRHGKGNTVE
NNMILGNEKRLTGGIRIYDEDHVIRNNYIANTRGRDGVIEGNADLRGGIVINTGIIDVANGEQLDQSVKGKELNKQWTPK
NITIENNSLVDTEWGIVYGNQSHRVSLFNNAEVEGIYAGVDIAFKHNVVDNSQTPEFVSVRATHDFPLVGATYTDETYVG
QVTDSELIESYSVELPKVTVENGLNAYQGEGADVSKLSVVTAETAGPDYVLENTTK
;
_entity_poly.pdbx_strand_id   A,B
#
# COMPACT_ATOMS: atom_id res chain seq x y z
N PRO A 38 -13.00 20.18 -2.66
CA PRO A 38 -14.42 19.89 -2.33
C PRO A 38 -14.59 19.51 -0.85
N SER A 39 -15.18 20.37 -0.02
CA SER A 39 -15.35 19.98 1.40
C SER A 39 -16.65 19.17 1.61
N ILE A 40 -16.80 18.58 2.79
CA ILE A 40 -17.78 17.47 3.00
C ILE A 40 -19.15 17.77 2.37
N SER A 41 -19.76 18.89 2.75
CA SER A 41 -21.12 19.20 2.33
C SER A 41 -21.29 19.41 0.82
N GLU A 42 -20.18 19.68 0.13
CA GLU A 42 -20.17 19.93 -1.30
C GLU A 42 -19.80 18.66 -2.09
N ILE A 43 -19.50 17.54 -1.40
CA ILE A 43 -19.19 16.31 -2.15
C ILE A 43 -20.39 15.90 -3.01
N ASP A 44 -20.15 15.37 -4.20
CA ASP A 44 -21.23 14.84 -5.00
C ASP A 44 -20.74 13.68 -5.82
N ARG A 45 -21.64 13.03 -6.55
CA ARG A 45 -21.23 11.81 -7.24
C ARG A 45 -20.18 12.01 -8.36
N SER A 46 -20.22 13.14 -9.07
CA SER A 46 -19.15 13.38 -10.07
C SER A 46 -17.77 13.45 -9.42
N TYR A 47 -17.65 14.11 -8.27
CA TYR A 47 -16.37 14.12 -7.58
C TYR A 47 -15.94 12.73 -7.16
N LEU A 48 -16.86 12.00 -6.50
CA LEU A 48 -16.53 10.68 -5.98
C LEU A 48 -16.13 9.74 -7.11
N LEU A 49 -16.76 9.88 -8.28
CA LEU A 49 -16.53 8.94 -9.37
C LEU A 49 -15.44 9.38 -10.36
N SER A 50 -14.84 10.56 -10.15
CA SER A 50 -13.85 11.10 -11.10
C SER A 50 -12.44 10.66 -10.80
N SER A 51 -11.73 10.27 -11.86
CA SER A 51 -10.31 10.04 -11.75
C SER A 51 -9.74 10.08 -13.15
N ASP A 52 -8.55 10.67 -13.28
CA ASP A 52 -7.79 10.65 -14.54
C ASP A 52 -7.37 9.26 -14.97
N ARG A 53 -7.20 8.34 -14.02
CA ARG A 53 -6.73 7.02 -14.36
C ARG A 53 -7.69 6.24 -15.26
N LEU A 54 -8.94 6.71 -15.39
CA LEU A 54 -10.02 5.90 -16.01
C LEU A 54 -10.03 5.99 -17.52
N THR A 55 -9.89 4.85 -18.19
CA THR A 55 -10.20 4.70 -19.64
C THR A 55 -11.68 4.67 -19.92
N GLU A 56 -12.10 5.15 -21.08
CA GLU A 56 -13.47 5.09 -21.47
C GLU A 56 -13.59 3.96 -22.49
N VAL A 57 -14.56 3.05 -22.33
CA VAL A 57 -14.84 1.98 -23.30
C VAL A 57 -16.21 2.23 -23.91
N ASP A 58 -16.28 2.30 -25.25
CA ASP A 58 -17.53 2.60 -25.94
C ASP A 58 -18.13 1.29 -26.39
N GLY A 59 -19.28 0.95 -25.82
CA GLY A 59 -19.95 -0.29 -26.13
C GLY A 59 -20.32 -0.36 -27.60
N ASN A 60 -20.67 0.80 -28.16
CA ASN A 60 -21.04 0.89 -29.59
C ASN A 60 -19.90 0.52 -30.54
N THR A 61 -18.66 0.51 -30.07
CA THR A 61 -17.58 0.00 -30.90
C THR A 61 -17.37 -1.49 -30.84
N LEU A 62 -18.20 -2.24 -30.10
CA LEU A 62 -17.94 -3.66 -29.94
C LEU A 62 -18.87 -4.42 -30.83
N ASP A 63 -18.33 -5.47 -31.45
CA ASP A 63 -19.08 -6.34 -32.33
C ASP A 63 -19.80 -7.41 -31.55
N VAL A 64 -21.01 -7.72 -31.98
CA VAL A 64 -21.80 -8.79 -31.39
C VAL A 64 -21.39 -10.15 -31.94
N ALA A 65 -20.83 -10.99 -31.09
CA ALA A 65 -20.44 -12.33 -31.45
C ALA A 65 -21.62 -13.12 -31.98
N SER A 66 -21.33 -13.97 -32.97
CA SER A 66 -22.34 -14.84 -33.57
C SER A 66 -22.59 -16.00 -32.64
N GLU A 67 -23.70 -16.70 -32.85
CA GLU A 67 -23.97 -17.95 -32.10
C GLU A 67 -22.82 -18.91 -32.15
N GLU A 68 -22.15 -18.99 -33.30
CA GLU A 68 -21.02 -19.92 -33.50
C GLU A 68 -19.81 -19.49 -32.65
N GLN A 69 -19.50 -18.19 -32.66
CA GLN A 69 -18.43 -17.62 -31.83
C GLN A 69 -18.69 -17.74 -30.33
N VAL A 70 -19.94 -17.49 -29.91
CA VAL A 70 -20.31 -17.71 -28.49
C VAL A 70 -20.05 -19.17 -28.07
N ALA A 71 -20.49 -20.11 -28.91
CA ALA A 71 -20.26 -21.52 -28.66
C ALA A 71 -18.75 -21.85 -28.56
N ALA A 72 -17.97 -21.25 -29.44
CA ALA A 72 -16.51 -21.44 -29.50
C ALA A 72 -15.82 -20.92 -28.23
N LEU A 73 -16.22 -19.72 -27.79
CA LEU A 73 -15.75 -19.17 -26.52
C LEU A 73 -16.14 -20.08 -25.37
N LYS A 74 -17.40 -20.55 -25.35
CA LYS A 74 -17.85 -21.43 -24.27
C LYS A 74 -17.06 -22.75 -24.13
N ALA A 75 -16.69 -23.38 -25.26
CA ALA A 75 -15.91 -24.64 -25.22
C ALA A 75 -14.50 -24.39 -24.67
N GLN A 76 -13.95 -23.24 -25.04
CA GLN A 76 -12.68 -22.75 -24.50
C GLN A 76 -12.71 -22.69 -22.96
N PHE A 77 -13.77 -22.09 -22.40
CA PHE A 77 -13.96 -22.07 -20.96
C PHE A 77 -13.95 -23.48 -20.34
N GLU A 78 -14.75 -24.38 -20.91
CA GLU A 78 -14.91 -25.71 -20.31
C GLU A 78 -13.77 -26.70 -20.67
N ASN A 79 -12.96 -26.35 -21.66
CA ASN A 79 -11.76 -27.15 -21.95
C ASN A 79 -10.49 -26.66 -21.29
N LEU A 80 -10.59 -25.63 -20.45
CA LEU A 80 -9.40 -25.09 -19.77
C LEU A 80 -8.64 -26.19 -19.00
N LYS A 81 -7.31 -26.12 -19.00
CA LYS A 81 -6.51 -27.02 -18.16
C LYS A 81 -5.85 -26.14 -17.08
N ASP A 82 -5.42 -26.72 -15.98
CA ASP A 82 -4.77 -25.91 -14.94
C ASP A 82 -3.68 -24.99 -15.47
N GLY A 83 -3.68 -23.74 -15.03
CA GLY A 83 -2.59 -22.83 -15.36
C GLY A 83 -2.80 -22.02 -16.63
N ASP A 84 -3.87 -22.33 -17.37
CA ASP A 84 -4.17 -21.64 -18.62
C ASP A 84 -4.95 -20.34 -18.39
N GLU A 85 -5.24 -19.67 -19.49
CA GLU A 85 -5.89 -18.38 -19.48
C GLU A 85 -6.85 -18.33 -20.67
N VAL A 86 -8.01 -17.70 -20.53
CA VAL A 86 -8.80 -17.38 -21.72
C VAL A 86 -8.79 -15.85 -21.84
N VAL A 87 -8.42 -15.35 -23.01
CA VAL A 87 -8.48 -13.94 -23.29
C VAL A 87 -9.62 -13.68 -24.24
N ILE A 88 -10.62 -12.94 -23.78
CA ILE A 88 -11.83 -12.75 -24.55
C ILE A 88 -11.70 -11.53 -25.47
N PRO A 89 -11.73 -11.76 -26.79
CA PRO A 89 -11.64 -10.61 -27.72
C PRO A 89 -12.75 -9.62 -27.47
N ASN A 90 -12.45 -8.33 -27.61
CA ASN A 90 -13.46 -7.30 -27.55
C ASN A 90 -14.72 -7.73 -28.29
N GLY A 91 -15.88 -7.57 -27.66
CA GLY A 91 -17.14 -7.91 -28.32
C GLY A 91 -18.23 -8.12 -27.29
N LYS A 92 -19.44 -8.36 -27.77
CA LYS A 92 -20.62 -8.61 -26.92
C LYS A 92 -21.04 -10.07 -27.12
N TYR A 93 -21.13 -10.83 -26.03
CA TYR A 93 -21.40 -12.27 -26.11
C TYR A 93 -22.70 -12.56 -25.38
N ALA A 94 -23.78 -12.79 -26.14
CA ALA A 94 -25.11 -13.07 -25.58
C ALA A 94 -25.34 -14.52 -25.17
N ASN A 95 -25.92 -14.73 -24.00
CA ASN A 95 -26.44 -16.05 -23.64
C ASN A 95 -25.43 -17.17 -23.58
N LEU A 96 -24.27 -16.86 -23.01
CA LEU A 96 -23.31 -17.89 -22.73
C LEU A 96 -23.87 -19.01 -21.84
N GLY A 97 -24.89 -18.69 -21.03
CA GLY A 97 -25.51 -19.72 -20.20
C GLY A 97 -24.69 -20.22 -19.03
N GLN A 98 -24.75 -21.53 -18.78
CA GLN A 98 -24.08 -22.11 -17.62
C GLN A 98 -22.63 -22.43 -17.95
N VAL A 99 -21.69 -21.68 -17.41
CA VAL A 99 -20.27 -21.86 -17.73
C VAL A 99 -19.55 -22.43 -16.50
N THR A 100 -19.24 -23.74 -16.53
CA THR A 100 -18.57 -24.41 -15.36
C THR A 100 -17.06 -24.46 -15.51
N ILE A 101 -16.34 -23.76 -14.63
CA ILE A 101 -14.85 -23.78 -14.64
C ILE A 101 -14.36 -24.76 -13.55
N THR A 102 -13.81 -25.90 -14.00
CA THR A 102 -13.30 -26.91 -13.07
C THR A 102 -11.78 -26.79 -12.93
N ALA A 103 -11.12 -26.10 -13.86
CA ALA A 103 -9.66 -25.94 -13.78
C ALA A 103 -9.24 -25.12 -12.56
N ASN A 104 -8.02 -25.36 -12.07
CA ASN A 104 -7.38 -24.48 -11.08
C ASN A 104 -6.35 -23.56 -11.71
N ASP A 105 -6.01 -22.47 -11.01
CA ASP A 105 -5.01 -21.50 -11.48
C ASP A 105 -5.20 -21.00 -12.86
N VAL A 106 -6.46 -20.68 -13.18
CA VAL A 106 -6.82 -20.08 -14.44
C VAL A 106 -7.28 -18.59 -14.31
N THR A 107 -7.00 -17.82 -15.35
CA THR A 107 -7.52 -16.49 -15.51
C THR A 107 -8.42 -16.47 -16.74
N ILE A 108 -9.60 -15.91 -16.57
CA ILE A 108 -10.43 -15.48 -17.67
C ILE A 108 -10.50 -13.96 -17.66
N ARG A 109 -10.03 -13.33 -18.75
CA ARG A 109 -9.97 -11.86 -18.77
C ARG A 109 -10.39 -11.25 -20.11
N ALA A 110 -10.81 -9.99 -20.10
CA ALA A 110 -11.09 -9.26 -21.34
C ALA A 110 -9.77 -8.95 -22.01
N GLU A 111 -9.76 -8.92 -23.34
CA GLU A 111 -8.51 -8.57 -24.01
C GLU A 111 -8.20 -7.11 -23.70
N GLN A 112 -9.19 -6.25 -23.76
CA GLN A 112 -9.02 -4.96 -23.21
C GLN A 112 -10.04 -4.86 -22.06
N ALA A 113 -9.54 -4.53 -20.88
CA ALA A 113 -10.45 -4.31 -19.73
C ALA A 113 -11.75 -3.55 -20.08
N GLY A 114 -12.89 -4.14 -19.74
CA GLY A 114 -14.16 -3.48 -19.95
C GLY A 114 -14.80 -3.70 -21.31
N ALA A 115 -14.13 -4.47 -22.15
CA ALA A 115 -14.50 -4.55 -23.58
C ALA A 115 -15.01 -5.95 -23.94
N ALA A 116 -15.15 -6.84 -22.94
CA ALA A 116 -15.84 -8.12 -23.17
C ALA A 116 -17.21 -8.00 -22.42
N TRP A 117 -18.29 -7.78 -23.16
CA TRP A 117 -19.60 -7.56 -22.53
C TRP A 117 -20.37 -8.86 -22.63
N LEU A 118 -20.80 -9.40 -21.47
CA LEU A 118 -21.49 -10.67 -21.42
C LEU A 118 -22.93 -10.35 -21.14
N THR A 119 -23.81 -10.68 -22.12
CA THR A 119 -25.18 -10.25 -22.03
C THR A 119 -26.14 -11.48 -22.05
N GLY A 120 -27.44 -11.22 -21.98
CA GLY A 120 -28.40 -12.30 -21.79
C GLY A 120 -28.10 -13.10 -20.50
N LEU A 121 -28.40 -14.38 -20.54
CA LEU A 121 -28.27 -15.22 -19.36
C LEU A 121 -26.89 -15.86 -19.28
N ILE A 122 -26.23 -15.75 -18.12
CA ILE A 122 -24.91 -16.38 -17.92
C ILE A 122 -24.72 -16.62 -16.43
N GLN A 123 -24.04 -17.70 -16.10
CA GLN A 123 -23.45 -17.88 -14.76
C GLN A 123 -22.10 -18.55 -14.91
N PHE A 124 -21.05 -17.88 -14.42
CA PHE A 124 -19.77 -18.57 -14.24
C PHE A 124 -19.85 -19.34 -12.93
N GLU A 125 -19.81 -20.66 -13.02
CA GLU A 125 -19.75 -21.50 -11.83
C GLU A 125 -18.29 -21.90 -11.59
N LEU A 126 -17.63 -21.21 -10.66
CA LEU A 126 -16.18 -21.38 -10.44
C LEU A 126 -15.92 -22.50 -9.42
N LYS A 127 -15.63 -23.71 -9.91
CA LYS A 127 -15.45 -24.86 -9.04
C LYS A 127 -14.01 -25.06 -8.61
N GLY A 128 -13.08 -24.71 -9.50
CA GLY A 128 -11.64 -24.82 -9.21
C GLY A 128 -11.16 -23.80 -8.20
N ASP A 129 -9.91 -23.98 -7.75
CA ASP A 129 -9.27 -23.04 -6.85
C ASP A 129 -8.47 -22.05 -7.65
N ASP A 130 -8.21 -20.87 -7.06
CA ASP A 130 -7.33 -19.87 -7.70
C ASP A 130 -7.76 -19.53 -9.15
N ILE A 131 -9.06 -19.39 -9.36
CA ILE A 131 -9.61 -18.86 -10.60
C ILE A 131 -9.81 -17.33 -10.46
N THR A 132 -9.35 -16.57 -11.43
CA THR A 132 -9.49 -15.11 -11.47
C THR A 132 -10.33 -14.74 -12.68
N LEU A 133 -11.40 -13.98 -12.47
CA LEU A 133 -12.15 -13.31 -13.53
C LEU A 133 -11.74 -11.86 -13.49
N ASP A 134 -11.34 -11.28 -14.65
CA ASP A 134 -10.68 -9.98 -14.70
C ASP A 134 -11.14 -9.16 -15.91
N GLY A 135 -11.69 -7.99 -15.65
CA GLY A 135 -12.05 -7.02 -16.71
C GLY A 135 -13.35 -7.31 -17.47
N LEU A 136 -14.27 -8.04 -16.85
CA LEU A 136 -15.53 -8.44 -17.53
C LEU A 136 -16.67 -7.46 -17.27
N VAL A 137 -17.62 -7.42 -18.20
CA VAL A 137 -18.80 -6.65 -18.07
C VAL A 137 -20.00 -7.57 -18.12
N PHE A 138 -20.89 -7.40 -17.12
CA PHE A 138 -22.17 -8.10 -17.14
C PHE A 138 -23.28 -7.08 -17.29
N THR A 139 -24.05 -7.11 -18.40
CA THR A 139 -25.05 -6.09 -18.63
C THR A 139 -26.07 -6.64 -19.60
N GLU A 140 -27.23 -6.00 -19.64
CA GLU A 140 -28.28 -6.33 -20.62
C GLU A 140 -28.58 -7.83 -20.61
N GLY A 141 -28.88 -8.35 -19.42
CA GLY A 141 -29.06 -9.79 -19.22
C GLY A 141 -29.18 -9.98 -17.71
N GLY A 142 -28.97 -11.21 -17.27
CA GLY A 142 -29.16 -11.54 -15.86
C GLY A 142 -28.55 -12.89 -15.55
N PRO A 143 -28.49 -13.26 -14.27
CA PRO A 143 -27.87 -14.54 -13.86
C PRO A 143 -28.66 -15.75 -14.38
N ASN A 144 -27.92 -16.77 -14.79
CA ASN A 144 -28.55 -17.97 -15.34
C ASN A 144 -29.06 -18.85 -14.22
N GLU A 145 -28.58 -18.63 -13.00
CA GLU A 145 -29.13 -19.29 -11.82
C GLU A 145 -29.09 -18.26 -10.70
N ARG A 146 -29.97 -18.39 -9.68
CA ARG A 146 -30.19 -17.26 -8.75
C ARG A 146 -29.05 -16.85 -7.85
N PHE A 147 -28.04 -17.72 -7.70
CA PHE A 147 -26.84 -17.34 -6.94
C PHE A 147 -25.79 -16.54 -7.71
N GLY A 148 -26.15 -16.06 -8.91
CA GLY A 148 -25.42 -14.91 -9.50
C GLY A 148 -24.82 -15.13 -10.88
N ALA A 149 -24.33 -14.04 -11.50
CA ALA A 149 -23.47 -14.17 -12.69
C ALA A 149 -22.16 -14.89 -12.33
N VAL A 150 -21.74 -14.77 -11.07
CA VAL A 150 -20.46 -15.38 -10.65
C VAL A 150 -20.64 -16.14 -9.31
N ARG A 151 -20.55 -17.47 -9.38
CA ARG A 151 -20.68 -18.33 -8.20
C ARG A 151 -19.24 -18.77 -7.85
N MET A 152 -18.64 -18.17 -6.82
CA MET A 152 -17.25 -18.42 -6.48
C MET A 152 -17.25 -19.58 -5.48
N MET A 153 -17.16 -20.80 -6.04
CA MET A 153 -17.31 -22.01 -5.23
C MET A 153 -15.96 -22.54 -4.68
N GLY A 154 -14.88 -22.29 -5.42
CA GLY A 154 -13.53 -22.71 -5.04
C GLY A 154 -12.82 -21.83 -4.02
N ASN A 155 -11.57 -22.17 -3.70
CA ASN A 155 -10.84 -21.40 -2.73
C ASN A 155 -9.95 -20.47 -3.48
N GLY A 156 -9.66 -19.28 -2.95
CA GLY A 156 -8.77 -18.38 -3.64
C GLY A 156 -9.36 -17.89 -4.95
N ASN A 157 -10.71 -17.87 -5.06
CA ASN A 157 -11.32 -17.29 -6.26
C ASN A 157 -11.30 -15.75 -6.21
N THR A 158 -11.15 -15.09 -7.36
CA THR A 158 -11.11 -13.63 -7.42
C THR A 158 -11.93 -13.08 -8.57
N LEU A 159 -12.70 -12.04 -8.26
CA LEU A 159 -13.39 -11.28 -9.28
C LEU A 159 -12.82 -9.87 -9.21
N GLN A 160 -12.19 -9.40 -10.27
CA GLN A 160 -11.58 -8.09 -10.23
C GLN A 160 -11.79 -7.29 -11.54
N ASN A 161 -11.70 -5.97 -11.40
CA ASN A 161 -11.82 -4.99 -12.51
C ASN A 161 -13.05 -5.16 -13.40
N SER A 162 -14.15 -5.66 -12.81
CA SER A 162 -15.31 -6.01 -13.58
C SER A 162 -16.48 -5.10 -13.25
N THR A 163 -17.42 -5.00 -14.19
CA THR A 163 -18.54 -4.11 -14.06
C THR A 163 -19.85 -4.82 -14.31
N PHE A 164 -20.79 -4.63 -13.38
CA PHE A 164 -22.18 -5.05 -13.56
C PHE A 164 -22.96 -3.77 -13.80
N TYR A 165 -23.72 -3.75 -14.89
CA TYR A 165 -24.51 -2.58 -15.20
C TYR A 165 -25.94 -2.99 -15.41
N TYR A 166 -26.77 -2.78 -14.39
CA TYR A 166 -28.21 -3.09 -14.52
C TYR A 166 -28.48 -4.50 -15.05
N PHE A 167 -27.88 -5.49 -14.40
CA PHE A 167 -27.96 -6.88 -14.83
C PHE A 167 -29.19 -7.51 -14.21
N ASN A 168 -30.35 -6.99 -14.61
CA ASN A 168 -31.65 -7.28 -13.99
C ASN A 168 -32.61 -7.94 -14.95
N HIS A 169 -32.11 -8.58 -16.01
CA HIS A 169 -33.03 -8.94 -17.11
C HIS A 169 -32.97 -10.43 -17.51
N ASP A 170 -33.99 -10.82 -18.27
CA ASP A 170 -34.02 -12.09 -18.98
C ASP A 170 -34.34 -13.30 -18.14
N TYR A 171 -34.28 -13.18 -16.82
CA TYR A 171 -34.76 -14.31 -16.00
C TYR A 171 -36.22 -14.05 -15.57
N THR A 172 -36.96 -15.10 -15.26
CA THR A 172 -38.37 -14.97 -14.90
C THR A 172 -38.46 -14.25 -13.57
N TYR A 173 -39.40 -13.30 -13.47
CA TYR A 173 -39.49 -12.46 -12.29
C TYR A 173 -40.90 -12.17 -11.92
N GLU A 174 -41.52 -13.06 -11.15
N GLU A 174 -41.52 -13.11 -11.19
CA GLU A 174 -42.94 -12.96 -10.90
CA GLU A 174 -42.97 -13.05 -10.92
C GLU A 174 -43.23 -13.33 -9.46
C GLU A 174 -43.20 -13.29 -9.44
N PRO A 175 -44.30 -12.74 -8.89
CA PRO A 175 -44.70 -13.12 -7.51
C PRO A 175 -45.05 -14.59 -7.50
N ASP A 176 -44.53 -15.37 -6.55
CA ASP A 176 -44.79 -16.81 -6.58
C ASP A 176 -46.24 -17.17 -6.17
N GLU A 177 -46.61 -18.41 -6.42
CA GLU A 177 -47.99 -18.86 -6.09
C GLU A 177 -48.16 -19.01 -4.56
N ARG A 178 -47.13 -19.45 -3.83
CA ARG A 178 -47.29 -19.71 -2.39
C ARG A 178 -47.67 -18.43 -1.70
N ARG A 179 -46.93 -17.36 -1.95
CA ARG A 179 -47.19 -16.12 -1.18
C ARG A 179 -46.86 -14.81 -1.90
N SER A 180 -46.86 -14.85 -3.24
CA SER A 180 -46.62 -13.66 -4.08
C SER A 180 -45.24 -13.07 -3.76
N GLU A 181 -44.31 -13.93 -3.37
CA GLU A 181 -42.89 -13.51 -3.19
C GLU A 181 -42.08 -13.47 -4.51
N TYR A 182 -41.43 -12.34 -4.82
CA TYR A 182 -40.54 -12.28 -6.00
C TYR A 182 -39.20 -13.01 -5.75
N PRO A 183 -38.63 -13.63 -6.78
CA PRO A 183 -37.40 -14.40 -6.49
C PRO A 183 -36.18 -13.52 -6.19
N LYS A 184 -35.33 -14.01 -5.30
CA LYS A 184 -34.09 -13.32 -4.97
C LYS A 184 -32.99 -13.79 -5.92
N TYR A 185 -32.49 -12.87 -6.75
CA TYR A 185 -31.35 -13.17 -7.63
C TYR A 185 -30.16 -12.35 -7.17
N LEU A 186 -29.06 -13.03 -6.88
CA LEU A 186 -27.82 -12.35 -6.49
C LEU A 186 -27.02 -12.01 -7.72
N TRP A 187 -26.00 -11.15 -7.59
CA TRP A 187 -25.05 -11.00 -8.68
C TRP A 187 -23.75 -11.77 -8.49
N VAL A 188 -23.21 -11.77 -7.27
CA VAL A 188 -22.00 -12.52 -6.94
C VAL A 188 -22.27 -13.30 -5.66
N SER A 189 -21.90 -14.59 -5.64
CA SER A 189 -21.93 -15.32 -4.35
C SER A 189 -20.57 -16.01 -4.09
N LEU A 190 -20.22 -16.07 -2.82
CA LEU A 190 -18.96 -16.69 -2.39
C LEU A 190 -19.31 -17.85 -1.48
N TRP A 191 -18.80 -19.03 -1.82
CA TRP A 191 -19.17 -20.23 -1.08
C TRP A 191 -17.89 -20.90 -0.60
N GLY A 192 -16.71 -20.45 -1.07
CA GLY A 192 -15.46 -21.02 -0.62
C GLY A 192 -14.74 -20.28 0.48
N LYS A 193 -13.41 -20.27 0.39
CA LYS A 193 -12.52 -19.61 1.33
C LYS A 193 -11.61 -18.67 0.60
N ASP A 194 -11.18 -17.63 1.31
CA ASP A 194 -10.19 -16.68 0.78
C ASP A 194 -10.59 -16.13 -0.59
N GLY A 195 -11.87 -15.77 -0.76
CA GLY A 195 -12.33 -15.09 -1.96
C GLY A 195 -11.92 -13.62 -1.96
N LYS A 196 -11.72 -13.07 -3.14
CA LYS A 196 -11.54 -11.65 -3.25
C LYS A 196 -12.51 -11.10 -4.27
N VAL A 197 -13.18 -10.01 -3.92
CA VAL A 197 -14.02 -9.26 -4.85
C VAL A 197 -13.48 -7.83 -4.72
N ILE A 198 -12.73 -7.37 -5.71
CA ILE A 198 -11.94 -6.16 -5.55
C ILE A 198 -11.98 -5.36 -6.83
N ASN A 199 -12.06 -4.04 -6.69
CA ASN A 199 -11.94 -3.11 -7.83
C ASN A 199 -12.97 -3.37 -8.90
N ASN A 200 -14.21 -3.63 -8.47
CA ASN A 200 -15.31 -3.82 -9.39
C ASN A 200 -16.28 -2.69 -9.26
N ARG A 201 -17.19 -2.59 -10.22
CA ARG A 201 -18.27 -1.63 -10.15
C ARG A 201 -19.60 -2.35 -10.27
N PHE A 202 -20.45 -2.14 -9.25
CA PHE A 202 -21.72 -2.87 -9.19
C PHE A 202 -22.79 -1.82 -9.25
N GLU A 203 -23.31 -1.57 -10.46
CA GLU A 203 -24.19 -0.44 -10.67
C GLU A 203 -25.61 -0.87 -11.08
N GLY A 204 -26.62 -0.35 -10.39
CA GLY A 204 -28.01 -0.51 -10.81
C GLY A 204 -28.70 -1.81 -10.49
N LYS A 205 -28.43 -2.42 -9.33
CA LYS A 205 -29.20 -3.64 -8.98
C LYS A 205 -30.62 -3.23 -8.57
N GLN A 206 -31.64 -3.62 -9.34
CA GLN A 206 -32.98 -3.04 -9.16
C GLN A 206 -34.04 -4.10 -9.31
N LYS A 207 -33.65 -5.37 -9.01
CA LYS A 207 -34.62 -6.40 -8.73
C LYS A 207 -34.19 -7.09 -7.42
N ARG A 208 -35.10 -7.85 -6.84
CA ARG A 208 -34.88 -8.38 -5.47
C ARG A 208 -33.64 -9.30 -5.37
N GLY A 209 -32.98 -9.25 -4.22
CA GLY A 209 -31.90 -10.18 -3.93
C GLY A 209 -30.66 -9.41 -3.53
N THR A 210 -29.93 -9.91 -2.53
CA THR A 210 -28.63 -9.28 -2.16
C THR A 210 -27.66 -9.24 -3.38
N LEU A 211 -26.89 -8.15 -3.53
CA LEU A 211 -26.01 -8.01 -4.69
C LEU A 211 -24.82 -9.02 -4.53
N ILE A 212 -24.17 -9.02 -3.35
CA ILE A 212 -23.15 -10.06 -3.04
C ILE A 212 -23.68 -10.88 -1.85
N GLY A 213 -23.64 -12.21 -1.96
CA GLY A 213 -23.99 -13.05 -0.80
C GLY A 213 -22.79 -13.96 -0.45
N VAL A 214 -22.53 -14.11 0.83
CA VAL A 214 -21.55 -15.04 1.31
C VAL A 214 -22.31 -16.19 1.99
N GLN A 215 -22.11 -17.39 1.47
CA GLN A 215 -22.76 -18.61 1.94
C GLN A 215 -21.57 -19.40 2.56
N LYS A 216 -21.59 -19.62 3.86
CA LYS A 216 -20.40 -20.11 4.51
C LYS A 216 -20.73 -21.37 5.34
N ASP A 217 -19.67 -22.04 5.77
CA ASP A 217 -19.86 -23.17 6.72
C ASP A 217 -19.39 -22.77 8.10
N ASP A 218 -18.95 -23.77 8.89
CA ASP A 218 -18.59 -23.59 10.30
C ASP A 218 -17.19 -23.06 10.57
N THR A 219 -16.36 -22.82 9.57
CA THR A 219 -15.00 -22.31 9.82
C THR A 219 -14.87 -20.91 9.21
N PRO A 220 -13.81 -20.15 9.56
CA PRO A 220 -13.60 -18.80 9.02
C PRO A 220 -13.47 -18.83 7.52
N ASP A 221 -13.95 -17.78 6.85
CA ASP A 221 -13.88 -17.69 5.39
C ASP A 221 -12.78 -16.77 4.91
N ASN A 222 -12.52 -15.71 5.66
CA ASN A 222 -11.45 -14.78 5.29
C ASN A 222 -11.58 -14.19 3.91
N HIS A 223 -12.82 -13.82 3.54
CA HIS A 223 -12.99 -13.15 2.25
C HIS A 223 -12.59 -11.70 2.35
N LEU A 224 -12.23 -11.12 1.22
CA LEU A 224 -11.91 -9.64 1.11
C LEU A 224 -12.79 -9.02 0.06
N ILE A 225 -13.67 -8.11 0.48
CA ILE A 225 -14.49 -7.37 -0.46
C ILE A 225 -14.06 -5.91 -0.32
N ALA A 226 -13.26 -5.44 -1.28
CA ALA A 226 -12.58 -4.15 -0.99
C ALA A 226 -12.41 -3.35 -2.28
N ASN A 227 -12.40 -2.03 -2.15
CA ASN A 227 -12.07 -1.12 -3.26
C ASN A 227 -13.12 -1.25 -4.40
N ASN A 228 -14.38 -1.55 -4.07
CA ASN A 228 -15.42 -1.59 -5.11
C ASN A 228 -16.24 -0.36 -5.10
N ILE A 229 -16.90 -0.07 -6.24
CA ILE A 229 -17.92 0.94 -6.31
C ILE A 229 -19.31 0.26 -6.36
N PHE A 230 -20.26 0.72 -5.50
CA PHE A 230 -21.63 0.23 -5.56
C PHE A 230 -22.48 1.47 -5.78
N MET A 231 -23.39 1.43 -6.76
CA MET A 231 -24.25 2.55 -7.06
C MET A 231 -25.66 2.11 -7.38
N ASP A 232 -26.60 2.93 -6.94
CA ASP A 232 -27.98 2.90 -7.45
C ASP A 232 -28.74 1.61 -7.34
N GLN A 233 -28.52 0.89 -6.26
CA GLN A 233 -29.41 -0.21 -5.93
C GLN A 233 -30.71 0.41 -5.37
N LYS A 234 -31.85 -0.08 -5.84
CA LYS A 234 -33.14 0.40 -5.31
C LYS A 234 -34.31 -0.52 -5.63
N PRO A 235 -35.31 -0.54 -4.74
CA PRO A 235 -36.37 -1.51 -4.83
C PRO A 235 -37.64 -0.93 -5.50
N ASN A 236 -38.58 -1.80 -5.76
CA ASN A 236 -39.89 -1.39 -6.21
C ASN A 236 -39.82 -0.59 -7.50
N GLN A 237 -38.97 -1.03 -8.42
CA GLN A 237 -38.97 -0.49 -9.77
C GLN A 237 -39.84 -1.25 -10.74
N PHE A 238 -40.36 -2.39 -10.29
CA PHE A 238 -41.23 -3.25 -11.09
C PHE A 238 -42.51 -3.58 -10.38
N ASN A 239 -43.03 -2.61 -9.61
CA ASN A 239 -44.32 -2.73 -8.91
C ASN A 239 -44.42 -3.80 -7.85
N GLU A 240 -43.26 -4.26 -7.35
CA GLU A 240 -43.25 -5.33 -6.40
C GLU A 240 -44.07 -5.03 -5.17
N PHE A 241 -44.02 -3.77 -4.73
CA PHE A 241 -44.65 -3.37 -3.47
C PHE A 241 -46.17 -3.17 -3.60
N ASP A 242 -46.71 -3.30 -4.82
CA ASP A 242 -48.16 -3.14 -5.04
C ASP A 242 -48.95 -4.26 -4.45
N ILE A 243 -48.32 -5.42 -4.23
CA ILE A 243 -48.94 -6.49 -3.51
C ILE A 243 -48.76 -6.23 -2.01
N LYS A 244 -49.73 -5.50 -1.44
CA LYS A 244 -49.63 -4.97 -0.09
C LYS A 244 -49.40 -6.04 0.98
N GLU A 245 -50.01 -7.23 0.83
CA GLU A 245 -49.96 -8.30 1.88
C GLU A 245 -48.55 -8.85 1.97
N ALA A 246 -47.84 -8.75 0.86
CA ALA A 246 -46.50 -9.34 0.72
C ALA A 246 -45.35 -8.38 0.97
N ILE A 247 -45.67 -7.13 1.36
CA ILE A 247 -44.63 -6.09 1.42
C ILE A 247 -43.45 -6.33 2.36
N ARG A 248 -43.68 -6.97 3.51
CA ARG A 248 -42.61 -7.07 4.52
C ARG A 248 -41.49 -7.98 4.05
N TYR A 249 -41.83 -9.00 3.27
CA TYR A 249 -40.79 -9.83 2.68
C TYR A 249 -40.37 -9.37 1.29
N ASN A 250 -41.31 -8.97 0.41
CA ASN A 250 -40.87 -8.39 -0.86
C ASN A 250 -39.95 -7.14 -0.72
N GLY A 251 -40.09 -6.39 0.37
CA GLY A 251 -39.30 -5.16 0.59
C GLY A 251 -38.04 -5.49 1.37
N ASN A 252 -37.81 -6.79 1.58
CA ASN A 252 -36.60 -7.31 2.27
C ASN A 252 -35.74 -8.06 1.27
N SER A 253 -34.45 -8.22 1.60
CA SER A 253 -33.46 -8.87 0.73
C SER A 253 -33.06 -8.03 -0.50
N TRP A 254 -32.67 -6.79 -0.25
CA TRP A 254 -32.09 -5.94 -1.30
C TRP A 254 -30.78 -5.37 -0.75
N GLU A 255 -30.03 -6.20 -0.02
CA GLU A 255 -28.76 -5.64 0.56
C GLU A 255 -27.70 -5.47 -0.53
N ALA A 256 -26.67 -4.66 -0.25
CA ALA A 256 -25.47 -4.62 -1.14
C ALA A 256 -24.62 -5.86 -0.90
N ILE A 257 -24.54 -6.28 0.37
CA ILE A 257 -23.83 -7.52 0.69
C ILE A 257 -24.44 -8.12 1.96
N ARG A 258 -24.50 -9.43 1.94
CA ARG A 258 -24.95 -10.19 3.14
C ARG A 258 -23.82 -11.14 3.45
N ILE A 259 -23.25 -11.07 4.66
CA ILE A 259 -22.13 -11.95 4.99
C ILE A 259 -22.64 -13.02 5.99
N GLY A 260 -22.96 -14.19 5.48
CA GLY A 260 -23.44 -15.30 6.35
C GLY A 260 -24.95 -15.34 6.22
N ASP A 261 -25.57 -16.16 7.08
CA ASP A 261 -27.02 -16.24 7.10
C ASP A 261 -27.43 -16.77 8.47
N SER A 262 -28.72 -16.81 8.74
CA SER A 262 -29.14 -17.14 10.13
C SER A 262 -28.58 -18.49 10.58
N LYS A 263 -28.61 -19.50 9.69
CA LYS A 263 -28.10 -20.84 10.13
C LYS A 263 -26.60 -20.84 10.45
N SER A 264 -25.84 -20.05 9.71
N SER A 264 -25.84 -20.03 9.73
CA SER A 264 -24.39 -20.02 9.89
CA SER A 264 -24.38 -20.00 9.91
C SER A 264 -23.93 -18.91 10.85
C SER A 264 -23.93 -18.94 10.89
N SER A 265 -24.88 -18.19 11.44
CA SER A 265 -24.55 -16.94 12.08
C SER A 265 -23.79 -17.01 13.38
N GLN A 266 -23.84 -18.18 14.05
CA GLN A 266 -23.16 -18.35 15.30
C GLN A 266 -21.73 -18.86 15.06
N TRP A 267 -21.24 -18.84 13.81
CA TRP A 267 -19.84 -19.12 13.52
C TRP A 267 -19.12 -17.92 12.97
N ASP A 268 -17.79 -17.90 13.05
CA ASP A 268 -17.02 -16.80 12.45
C ASP A 268 -16.89 -16.90 10.95
N SER A 269 -17.03 -15.75 10.26
CA SER A 269 -16.59 -15.62 8.90
C SER A 269 -15.19 -14.97 8.81
N SER A 270 -14.90 -14.01 9.73
CA SER A 270 -13.64 -13.28 9.66
C SER A 270 -13.42 -12.65 8.26
N SER A 271 -14.49 -12.10 7.66
CA SER A 271 -14.40 -11.50 6.34
C SER A 271 -14.31 -9.98 6.47
N LYS A 272 -13.90 -9.33 5.39
CA LYS A 272 -13.62 -7.88 5.45
C LYS A 272 -14.39 -7.22 4.36
N PHE A 273 -15.12 -6.16 4.69
CA PHE A 273 -15.79 -5.33 3.74
C PHE A 273 -15.20 -3.91 3.98
N VAL A 274 -14.17 -3.56 3.17
CA VAL A 274 -13.30 -2.43 3.50
C VAL A 274 -13.06 -1.53 2.30
N ASN A 275 -12.95 -0.22 2.55
CA ASN A 275 -12.51 0.74 1.51
C ASN A 275 -13.40 0.79 0.27
N ASN A 276 -14.68 0.52 0.43
CA ASN A 276 -15.58 0.55 -0.73
C ASN A 276 -16.25 1.90 -0.78
N LEU A 277 -16.76 2.23 -1.96
CA LEU A 277 -17.52 3.47 -2.19
C LEU A 277 -18.92 3.09 -2.57
N MET A 278 -19.91 3.61 -1.84
CA MET A 278 -21.28 3.30 -2.01
C MET A 278 -22.04 4.62 -2.21
N ILE A 279 -22.75 4.71 -3.33
CA ILE A 279 -23.47 5.92 -3.72
C ILE A 279 -24.90 5.55 -4.04
N ASP A 280 -25.82 6.24 -3.37
CA ASP A 280 -27.25 6.12 -3.63
C ASP A 280 -27.70 4.64 -3.60
N MET A 281 -27.21 3.95 -2.57
CA MET A 281 -27.62 2.57 -2.34
C MET A 281 -28.79 2.58 -1.39
N ASP A 282 -30.00 2.34 -1.93
CA ASP A 282 -31.24 2.54 -1.18
C ASP A 282 -32.04 1.25 -1.23
N GLY A 283 -31.37 0.11 -1.29
CA GLY A 283 -32.12 -1.15 -1.50
C GLY A 283 -33.17 -1.45 -0.43
N GLU A 284 -32.77 -1.39 0.84
CA GLU A 284 -33.65 -1.72 1.96
C GLU A 284 -33.07 -1.17 3.27
N ARG A 285 -33.65 -1.52 4.42
CA ARG A 285 -33.13 -0.99 5.65
C ARG A 285 -31.66 -1.38 5.90
N GLU A 286 -31.25 -2.57 5.42
CA GLU A 286 -29.86 -3.04 5.58
C GLU A 286 -29.08 -2.82 4.31
N LEU A 287 -28.09 -1.95 4.40
CA LEU A 287 -27.11 -1.75 3.30
C LEU A 287 -26.16 -2.93 3.25
N ILE A 288 -25.65 -3.28 4.42
CA ILE A 288 -24.69 -4.37 4.58
C ILE A 288 -25.34 -5.18 5.70
N SER A 289 -25.62 -6.45 5.45
CA SER A 289 -26.23 -7.29 6.53
C SER A 289 -25.21 -8.31 7.00
N ILE A 290 -24.72 -8.15 8.22
CA ILE A 290 -23.71 -9.07 8.72
C ILE A 290 -24.46 -10.12 9.54
N LYS A 291 -24.27 -11.36 9.12
CA LYS A 291 -24.99 -12.51 9.73
C LYS A 291 -23.98 -13.62 10.04
N SER A 292 -22.89 -13.28 10.72
CA SER A 292 -21.80 -14.22 11.12
C SER A 292 -20.83 -13.42 11.96
N GLY A 293 -19.78 -14.04 12.46
CA GLY A 293 -18.93 -13.37 13.45
C GLY A 293 -17.56 -12.93 12.96
N ASP A 294 -16.93 -12.04 13.73
CA ASP A 294 -15.52 -11.64 13.60
C ASP A 294 -15.25 -10.89 12.28
N ASN A 295 -16.29 -10.27 11.75
CA ASN A 295 -16.10 -9.48 10.50
C ASN A 295 -15.63 -8.07 10.72
N THR A 296 -15.05 -7.48 9.65
CA THR A 296 -14.55 -6.08 9.71
C THR A 296 -15.32 -5.33 8.67
N ILE A 297 -15.97 -4.23 9.05
CA ILE A 297 -16.74 -3.42 8.07
C ILE A 297 -16.23 -1.98 8.28
N SER A 298 -15.18 -1.61 7.52
CA SER A 298 -14.34 -0.49 7.96
C SER A 298 -13.83 0.32 6.81
N GLY A 299 -13.68 1.63 7.04
CA GLY A 299 -13.12 2.52 6.01
C GLY A 299 -13.91 2.72 4.74
N ASN A 300 -15.22 2.37 4.74
CA ASN A 300 -16.04 2.58 3.55
C ASN A 300 -16.62 4.00 3.52
N THR A 301 -16.83 4.57 2.31
CA THR A 301 -17.55 5.82 2.20
C THR A 301 -18.93 5.47 1.67
N ILE A 302 -19.94 5.92 2.39
CA ILE A 302 -21.32 5.55 2.10
C ILE A 302 -22.03 6.87 1.90
N PHE A 303 -22.33 7.19 0.64
CA PHE A 303 -22.81 8.54 0.31
C PHE A 303 -24.28 8.51 -0.15
N GLN A 304 -25.14 9.29 0.49
CA GLN A 304 -26.56 9.42 0.10
C GLN A 304 -27.20 8.04 -0.06
N SER A 305 -26.89 7.13 0.87
CA SER A 305 -27.47 5.78 0.77
C SER A 305 -28.56 5.59 1.86
N ALA A 306 -29.79 5.39 1.44
CA ALA A 306 -30.88 5.25 2.40
C ALA A 306 -30.98 3.77 2.88
N ALA A 307 -29.97 3.36 3.63
CA ALA A 307 -29.79 1.96 4.03
C ALA A 307 -28.66 2.00 5.05
N LEU A 308 -28.73 1.14 6.10
CA LEU A 308 -27.77 1.21 7.21
C LEU A 308 -26.82 0.01 7.23
N ILE A 309 -25.64 0.19 7.83
CA ILE A 309 -24.80 -0.99 8.12
C ILE A 309 -25.56 -1.74 9.22
N SER A 310 -25.78 -3.04 9.04
CA SER A 310 -26.67 -3.73 9.99
C SER A 310 -25.95 -4.97 10.54
N LEU A 311 -25.69 -4.97 11.83
CA LEU A 311 -25.11 -6.11 12.51
C LEU A 311 -26.33 -6.94 12.93
N ARG A 312 -26.71 -7.86 12.06
CA ARG A 312 -28.06 -8.44 12.12
C ARG A 312 -28.05 -9.74 12.96
N HIS A 313 -27.06 -10.62 12.69
CA HIS A 313 -26.81 -11.82 13.55
C HIS A 313 -25.32 -12.03 13.68
N GLY A 314 -24.89 -12.71 14.75
CA GLY A 314 -23.48 -13.04 14.88
C GLY A 314 -22.76 -12.09 15.80
N LYS A 315 -21.56 -12.48 16.24
CA LYS A 315 -20.89 -11.86 17.36
C LYS A 315 -19.50 -11.28 17.01
N GLY A 316 -19.11 -10.21 17.72
CA GLY A 316 -17.74 -9.75 17.70
C GLY A 316 -17.39 -9.08 16.36
N ASN A 317 -18.35 -8.35 15.76
CA ASN A 317 -18.04 -7.62 14.50
C ASN A 317 -17.58 -6.20 14.80
N THR A 318 -16.79 -5.61 13.91
CA THR A 318 -16.15 -4.32 14.21
C THR A 318 -16.51 -3.40 13.02
N VAL A 319 -17.03 -2.21 13.35
CA VAL A 319 -17.42 -1.24 12.34
C VAL A 319 -16.60 0.02 12.68
N GLU A 320 -15.65 0.37 11.83
CA GLU A 320 -14.63 1.33 12.23
C GLU A 320 -14.21 2.20 11.07
N ASN A 321 -13.92 3.47 11.36
CA ASN A 321 -13.36 4.41 10.34
C ASN A 321 -14.17 4.57 9.07
N ASN A 322 -15.49 4.34 9.14
CA ASN A 322 -16.30 4.60 7.98
C ASN A 322 -16.71 6.08 7.89
N MET A 323 -16.94 6.56 6.67
CA MET A 323 -17.45 7.92 6.45
C MET A 323 -18.82 7.79 5.87
N ILE A 324 -19.83 8.08 6.68
CA ILE A 324 -21.18 7.88 6.21
C ILE A 324 -21.76 9.28 6.02
N LEU A 325 -21.88 9.67 4.75
CA LEU A 325 -22.25 11.04 4.38
C LEU A 325 -23.66 11.04 3.78
N GLY A 326 -24.67 11.26 4.61
CA GLY A 326 -26.05 11.16 4.13
C GLY A 326 -26.43 12.31 3.19
N ASN A 327 -25.73 13.43 3.34
CA ASN A 327 -25.91 14.62 2.47
C ASN A 327 -27.36 15.13 2.48
N GLU A 328 -27.96 15.03 3.66
CA GLU A 328 -29.37 15.42 3.92
C GLU A 328 -30.44 14.62 3.20
N LYS A 329 -30.07 13.49 2.62
CA LYS A 329 -31.05 12.63 1.95
C LYS A 329 -31.97 11.91 2.93
N ARG A 330 -33.27 11.82 2.61
CA ARG A 330 -34.21 11.17 3.51
C ARG A 330 -33.79 9.70 3.78
N LEU A 331 -33.93 9.30 5.04
CA LEU A 331 -33.83 7.89 5.44
C LEU A 331 -32.41 7.30 5.32
N THR A 332 -31.41 8.20 5.36
CA THR A 332 -30.02 7.86 5.49
C THR A 332 -29.72 7.60 6.97
N GLY A 333 -28.56 7.03 7.28
CA GLY A 333 -28.37 6.53 8.63
C GLY A 333 -27.04 5.83 8.71
N GLY A 334 -26.62 5.50 9.92
CA GLY A 334 -25.29 4.87 10.13
C GLY A 334 -25.39 3.36 10.30
N ILE A 335 -25.60 2.92 11.55
CA ILE A 335 -25.33 1.53 11.95
C ILE A 335 -26.44 1.14 12.89
N ARG A 336 -27.00 -0.03 12.65
CA ARG A 336 -28.01 -0.63 13.56
C ARG A 336 -27.48 -1.97 14.05
N ILE A 337 -27.85 -2.32 15.29
CA ILE A 337 -27.09 -3.32 16.07
C ILE A 337 -27.96 -4.34 16.83
N TYR A 338 -27.75 -5.61 16.50
CA TYR A 338 -28.27 -6.74 17.28
C TYR A 338 -27.07 -7.59 17.71
N ASP A 339 -27.30 -8.52 18.66
CA ASP A 339 -26.29 -9.48 19.06
C ASP A 339 -25.15 -8.88 19.85
N GLU A 340 -24.09 -9.68 20.07
CA GLU A 340 -23.11 -9.35 21.12
C GLU A 340 -21.69 -9.01 20.71
N ASP A 341 -21.00 -8.27 21.60
CA ASP A 341 -19.54 -8.16 21.60
C ASP A 341 -18.99 -7.28 20.47
N HIS A 342 -19.83 -6.47 19.84
CA HIS A 342 -19.38 -5.64 18.71
C HIS A 342 -18.64 -4.39 19.16
N VAL A 343 -17.83 -3.86 18.25
CA VAL A 343 -17.06 -2.65 18.49
C VAL A 343 -17.42 -1.66 17.37
N ILE A 344 -17.88 -0.46 17.78
CA ILE A 344 -18.28 0.57 16.85
C ILE A 344 -17.39 1.77 17.19
N ARG A 345 -16.36 2.02 16.36
CA ARG A 345 -15.30 2.95 16.74
C ARG A 345 -14.88 3.86 15.63
N ASN A 346 -14.71 5.16 15.95
CA ASN A 346 -14.13 6.12 15.01
C ASN A 346 -14.81 6.23 13.66
N ASN A 347 -16.15 6.13 13.64
CA ASN A 347 -16.89 6.43 12.46
C ASN A 347 -17.28 7.90 12.40
N TYR A 348 -17.41 8.42 11.18
CA TYR A 348 -17.81 9.82 11.01
C TYR A 348 -19.13 9.77 10.26
N ILE A 349 -20.20 10.23 10.89
CA ILE A 349 -21.55 10.02 10.35
C ILE A 349 -22.20 11.40 10.30
N ALA A 350 -22.58 11.85 9.11
CA ALA A 350 -22.91 13.27 8.95
C ALA A 350 -24.16 13.48 8.11
N ASN A 351 -24.97 14.46 8.50
CA ASN A 351 -26.08 14.94 7.68
C ASN A 351 -27.09 13.85 7.34
N THR A 352 -27.27 12.90 8.27
CA THR A 352 -28.28 11.90 8.02
C THR A 352 -29.69 12.35 8.47
N ARG A 353 -30.74 11.72 7.92
CA ARG A 353 -32.14 12.16 8.17
C ARG A 353 -33.08 10.99 8.32
N GLY A 354 -34.13 11.16 9.13
CA GLY A 354 -35.27 10.24 9.17
C GLY A 354 -35.15 9.18 10.25
N ARG A 355 -36.31 8.73 10.75
CA ARG A 355 -36.27 7.79 11.86
C ARG A 355 -36.97 6.51 11.48
N ASP A 356 -38.09 6.60 10.76
CA ASP A 356 -38.92 5.41 10.60
C ASP A 356 -38.92 4.98 9.15
N GLY A 357 -38.50 3.75 8.86
CA GLY A 357 -38.56 3.27 7.49
C GLY A 357 -40.00 3.16 6.99
N VAL A 358 -40.19 3.07 5.68
CA VAL A 358 -41.57 3.11 5.12
C VAL A 358 -42.34 1.79 5.29
N ILE A 359 -41.67 0.65 5.38
CA ILE A 359 -42.34 -0.62 5.61
C ILE A 359 -42.34 -0.95 7.09
N GLU A 360 -43.55 -1.09 7.67
CA GLU A 360 -43.67 -1.40 9.11
C GLU A 360 -43.48 -2.87 9.43
N GLY A 361 -43.15 -3.14 10.69
CA GLY A 361 -43.07 -4.53 11.14
C GLY A 361 -41.71 -5.18 11.00
N ASN A 362 -40.72 -4.42 10.47
CA ASN A 362 -39.37 -4.93 10.26
C ASN A 362 -38.33 -4.24 11.15
N ALA A 363 -38.80 -3.64 12.25
CA ALA A 363 -37.94 -2.95 13.25
C ALA A 363 -37.02 -1.94 12.56
N ASP A 364 -37.55 -1.27 11.54
CA ASP A 364 -36.74 -0.38 10.69
C ASP A 364 -36.69 1.02 11.33
N LEU A 365 -35.83 1.15 12.31
CA LEU A 365 -35.64 2.39 13.06
C LEU A 365 -34.25 2.85 12.69
N ARG A 366 -34.15 4.11 12.25
CA ARG A 366 -32.92 4.62 11.68
C ARG A 366 -32.37 5.76 12.53
N GLY A 367 -31.09 6.03 12.35
CA GLY A 367 -30.41 7.15 12.99
C GLY A 367 -28.93 6.91 12.76
N GLY A 368 -28.07 7.69 13.41
CA GLY A 368 -26.63 7.50 13.27
C GLY A 368 -26.14 6.16 13.79
N ILE A 369 -26.52 5.84 15.03
CA ILE A 369 -26.15 4.54 15.62
C ILE A 369 -27.40 4.09 16.39
N VAL A 370 -27.96 2.91 16.04
CA VAL A 370 -29.27 2.46 16.63
C VAL A 370 -28.99 1.20 17.42
N ILE A 371 -29.27 1.24 18.73
CA ILE A 371 -29.17 0.04 19.58
C ILE A 371 -30.55 -0.63 19.61
N ASN A 372 -30.73 -1.70 18.82
CA ASN A 372 -32.07 -2.23 18.58
C ASN A 372 -32.55 -2.89 19.87
N THR A 373 -33.87 -2.96 20.07
CA THR A 373 -34.42 -3.94 21.06
C THR A 373 -34.34 -5.35 20.44
N GLY A 374 -34.42 -6.38 21.27
CA GLY A 374 -34.55 -7.70 20.73
C GLY A 374 -35.58 -8.47 21.58
N ILE A 375 -35.60 -9.78 21.36
CA ILE A 375 -36.68 -10.62 21.91
C ILE A 375 -36.22 -11.60 22.98
N ILE A 376 -34.97 -11.48 23.42
CA ILE A 376 -34.41 -12.37 24.40
C ILE A 376 -33.77 -11.62 25.56
N ASP A 377 -33.93 -12.21 26.75
CA ASP A 377 -33.38 -11.59 27.97
C ASP A 377 -31.87 -11.84 28.16
N VAL A 378 -31.04 -11.14 27.38
CA VAL A 378 -29.60 -11.34 27.41
C VAL A 378 -28.97 -10.93 28.76
N ALA A 379 -29.63 -10.06 29.51
CA ALA A 379 -29.15 -9.63 30.83
C ALA A 379 -29.11 -10.87 31.78
N ASN A 380 -29.99 -11.83 31.50
CA ASN A 380 -30.01 -13.12 32.24
C ASN A 380 -29.46 -14.29 31.44
N GLY A 381 -28.69 -13.99 30.40
CA GLY A 381 -27.96 -15.01 29.63
C GLY A 381 -28.75 -15.73 28.55
N GLU A 382 -29.97 -15.29 28.27
CA GLU A 382 -30.80 -15.93 27.24
C GLU A 382 -30.13 -15.79 25.85
N GLN A 383 -30.26 -16.84 25.02
CA GLN A 383 -29.64 -16.89 23.67
C GLN A 383 -30.74 -17.16 22.64
N LEU A 384 -30.52 -16.84 21.35
CA LEU A 384 -31.35 -17.47 20.33
C LEU A 384 -30.83 -18.93 20.17
N ASP A 385 -31.74 -19.78 19.78
CA ASP A 385 -31.51 -21.19 19.75
C ASP A 385 -32.52 -21.77 18.80
N GLN A 386 -31.98 -22.49 17.82
CA GLN A 386 -32.80 -23.07 16.82
C GLN A 386 -33.90 -24.02 17.36
N SER A 387 -33.69 -24.59 18.55
CA SER A 387 -34.64 -25.54 19.18
C SER A 387 -35.76 -24.86 19.90
N VAL A 388 -35.52 -23.61 20.30
CA VAL A 388 -36.50 -22.89 21.11
C VAL A 388 -37.49 -22.17 20.23
N LYS A 389 -38.73 -22.60 20.26
CA LYS A 389 -39.74 -22.06 19.39
C LYS A 389 -39.94 -20.58 19.66
N GLY A 390 -40.04 -19.78 18.59
CA GLY A 390 -40.14 -18.32 18.70
C GLY A 390 -38.80 -17.57 18.92
N LYS A 391 -37.73 -18.29 19.28
CA LYS A 391 -36.42 -17.68 19.54
C LYS A 391 -35.30 -18.30 18.67
N GLU A 392 -35.64 -18.59 17.43
CA GLU A 392 -34.76 -19.30 16.50
C GLU A 392 -33.66 -18.31 16.04
N LEU A 393 -32.65 -18.83 15.34
CA LEU A 393 -31.45 -18.08 15.03
C LEU A 393 -31.77 -16.92 14.04
N ASN A 394 -32.91 -17.01 13.33
CA ASN A 394 -33.24 -15.93 12.39
C ASN A 394 -34.04 -14.80 13.08
N LYS A 395 -34.18 -14.86 14.41
CA LYS A 395 -34.97 -13.85 15.11
C LYS A 395 -34.07 -12.68 15.57
N GLN A 396 -34.35 -12.05 16.70
CA GLN A 396 -33.68 -10.77 17.04
C GLN A 396 -32.95 -10.85 18.39
N TRP A 397 -31.63 -10.92 18.31
CA TRP A 397 -30.79 -11.10 19.49
C TRP A 397 -30.57 -9.74 20.11
N THR A 398 -31.16 -9.49 21.29
CA THR A 398 -30.94 -8.23 22.04
C THR A 398 -29.44 -7.91 22.16
N PRO A 399 -29.04 -6.69 21.77
CA PRO A 399 -27.60 -6.44 21.82
C PRO A 399 -27.02 -6.45 23.25
N LYS A 400 -25.81 -6.93 23.39
CA LYS A 400 -25.12 -6.94 24.66
C LYS A 400 -23.64 -6.75 24.50
N ASN A 401 -23.02 -6.02 25.44
CA ASN A 401 -21.58 -5.85 25.51
C ASN A 401 -21.07 -5.20 24.21
N ILE A 402 -21.62 -4.02 23.96
CA ILE A 402 -21.26 -3.26 22.71
C ILE A 402 -20.37 -2.12 23.14
N THR A 403 -19.23 -1.94 22.47
CA THR A 403 -18.34 -0.83 22.72
C THR A 403 -18.60 0.22 21.65
N ILE A 404 -18.98 1.43 22.04
CA ILE A 404 -19.28 2.49 21.07
C ILE A 404 -18.44 3.68 21.44
N GLU A 405 -17.35 3.90 20.71
CA GLU A 405 -16.34 4.85 21.17
C GLU A 405 -15.79 5.73 20.08
N ASN A 406 -15.48 6.96 20.44
CA ASN A 406 -14.85 7.90 19.51
C ASN A 406 -15.52 8.04 18.13
N ASN A 407 -16.85 8.03 18.10
CA ASN A 407 -17.56 8.35 16.89
C ASN A 407 -17.90 9.83 16.86
N SER A 408 -17.93 10.40 15.65
CA SER A 408 -18.41 11.78 15.48
C SER A 408 -19.69 11.69 14.67
N LEU A 409 -20.80 12.16 15.25
CA LEU A 409 -22.06 12.27 14.51
C LEU A 409 -22.30 13.75 14.36
N VAL A 410 -22.38 14.21 13.11
CA VAL A 410 -22.44 15.67 12.85
C VAL A 410 -23.74 15.94 12.12
N ASP A 411 -24.60 16.79 12.66
CA ASP A 411 -25.84 17.16 11.97
C ASP A 411 -26.68 15.91 11.59
N THR A 412 -26.85 15.00 12.57
CA THR A 412 -27.64 13.81 12.39
C THR A 412 -29.01 14.07 13.02
N GLU A 413 -30.08 14.04 12.23
CA GLU A 413 -31.42 14.34 12.75
C GLU A 413 -31.80 13.43 13.92
N TRP A 414 -31.38 12.15 13.81
CA TRP A 414 -31.55 11.17 14.91
C TRP A 414 -30.14 10.63 15.15
N GLY A 415 -29.51 10.98 16.27
CA GLY A 415 -28.09 10.64 16.45
C GLY A 415 -27.85 9.22 16.96
N ILE A 416 -27.69 9.09 18.26
CA ILE A 416 -27.62 7.74 18.89
C ILE A 416 -29.01 7.44 19.37
N VAL A 417 -29.62 6.37 18.85
CA VAL A 417 -31.02 6.09 19.09
C VAL A 417 -31.07 4.83 19.92
N TYR A 418 -31.66 4.93 21.11
CA TYR A 418 -31.87 3.71 21.91
C TYR A 418 -33.18 3.09 21.48
N GLY A 419 -33.13 1.83 21.04
CA GLY A 419 -34.27 1.23 20.36
C GLY A 419 -35.54 1.09 21.17
N ASN A 420 -36.65 1.10 20.47
CA ASN A 420 -37.98 0.80 21.05
C ASN A 420 -38.82 -0.01 20.10
N GLN A 421 -38.20 -0.78 19.20
CA GLN A 421 -38.99 -1.46 18.17
C GLN A 421 -39.80 -2.60 18.73
N SER A 422 -40.99 -2.81 18.17
N SER A 422 -40.99 -2.80 18.18
CA SER A 422 -41.75 -4.04 18.31
CA SER A 422 -41.70 -4.04 18.32
C SER A 422 -41.23 -5.01 17.23
C SER A 422 -41.03 -5.03 17.34
N HIS A 423 -41.41 -6.31 17.45
CA HIS A 423 -40.92 -7.36 16.52
C HIS A 423 -42.09 -8.29 16.22
N ARG A 424 -42.14 -8.78 14.99
CA ARG A 424 -43.17 -9.73 14.56
C ARG A 424 -42.58 -11.15 14.57
N VAL A 425 -43.42 -12.18 14.59
CA VAL A 425 -42.89 -13.54 14.71
C VAL A 425 -41.90 -13.88 13.59
N SER A 426 -42.28 -13.52 12.37
CA SER A 426 -41.41 -13.74 11.20
C SER A 426 -41.72 -12.73 10.10
N LEU A 427 -41.00 -12.83 8.98
CA LEU A 427 -41.30 -11.92 7.84
C LEU A 427 -42.67 -12.26 7.26
N PHE A 428 -43.11 -13.49 7.53
CA PHE A 428 -44.38 -14.03 6.96
C PHE A 428 -45.54 -14.08 7.94
N ASN A 429 -45.24 -14.02 9.23
CA ASN A 429 -46.24 -14.04 10.28
C ASN A 429 -46.28 -12.67 10.99
N ASN A 430 -47.37 -11.94 10.80
CA ASN A 430 -47.45 -10.59 11.34
C ASN A 430 -47.83 -10.45 12.82
N ALA A 431 -47.96 -11.55 13.57
CA ALA A 431 -48.25 -11.43 15.03
C ALA A 431 -47.06 -10.75 15.73
N GLU A 432 -47.35 -9.90 16.71
CA GLU A 432 -46.28 -9.28 17.52
C GLU A 432 -45.78 -10.17 18.62
N VAL A 433 -44.48 -10.17 18.80
CA VAL A 433 -43.84 -10.98 19.83
C VAL A 433 -44.11 -10.25 21.14
N GLU A 434 -44.37 -10.99 22.22
CA GLU A 434 -44.51 -10.37 23.51
C GLU A 434 -43.22 -10.65 24.26
N GLY A 435 -42.71 -9.64 24.95
CA GLY A 435 -41.41 -9.85 25.61
C GLY A 435 -40.26 -9.20 24.82
N ILE A 436 -40.02 -7.93 25.07
CA ILE A 436 -39.09 -7.13 24.22
C ILE A 436 -38.07 -6.51 25.17
N TYR A 437 -36.79 -6.56 24.86
CA TYR A 437 -35.71 -6.21 25.78
C TYR A 437 -34.79 -5.15 25.22
N ALA A 438 -34.27 -4.27 26.10
CA ALA A 438 -33.33 -3.21 25.68
C ALA A 438 -31.89 -3.70 25.69
N GLY A 439 -31.01 -3.01 24.96
CA GLY A 439 -29.62 -3.34 24.97
C GLY A 439 -28.99 -3.30 26.35
N VAL A 440 -28.02 -4.18 26.53
CA VAL A 440 -27.38 -4.46 27.80
C VAL A 440 -25.88 -4.25 27.71
N ASP A 441 -25.27 -3.67 28.76
CA ASP A 441 -23.82 -3.44 28.84
C ASP A 441 -23.30 -2.70 27.59
N ILE A 442 -23.99 -1.62 27.27
CA ILE A 442 -23.57 -0.77 26.17
C ILE A 442 -22.61 0.30 26.73
N ALA A 443 -21.38 0.29 26.30
CA ALA A 443 -20.35 1.17 26.88
C ALA A 443 -20.07 2.28 25.89
N PHE A 444 -20.43 3.52 26.25
CA PHE A 444 -20.25 4.68 25.38
C PHE A 444 -19.05 5.45 25.90
N LYS A 445 -18.07 5.76 25.02
CA LYS A 445 -16.92 6.54 25.46
C LYS A 445 -16.44 7.51 24.36
N HIS A 446 -16.20 8.78 24.73
CA HIS A 446 -15.54 9.75 23.82
C HIS A 446 -16.28 10.02 22.50
N ASN A 447 -17.59 9.75 22.45
CA ASN A 447 -18.42 10.12 21.31
C ASN A 447 -18.75 11.59 21.31
N VAL A 448 -18.86 12.17 20.14
CA VAL A 448 -19.31 13.54 19.98
C VAL A 448 -20.55 13.50 19.12
N VAL A 449 -21.68 13.97 19.64
CA VAL A 449 -22.86 14.15 18.77
C VAL A 449 -23.10 15.65 18.64
N ASP A 450 -22.78 16.18 17.47
CA ASP A 450 -22.74 17.63 17.27
C ASP A 450 -23.92 18.12 16.43
N ASN A 451 -25.02 18.48 17.10
CA ASN A 451 -26.14 19.12 16.44
C ASN A 451 -26.16 20.64 16.76
N SER A 452 -25.00 21.23 16.89
CA SER A 452 -24.95 22.68 17.12
C SER A 452 -25.57 23.48 15.95
N GLN A 453 -25.58 22.92 14.75
CA GLN A 453 -26.17 23.64 13.64
C GLN A 453 -27.69 23.72 13.73
N THR A 454 -28.36 22.61 14.09
CA THR A 454 -29.81 22.58 14.23
C THR A 454 -30.09 21.83 15.54
N PRO A 455 -30.09 22.56 16.68
CA PRO A 455 -30.10 21.84 17.97
C PRO A 455 -31.47 21.24 18.29
N GLU A 456 -32.45 21.48 17.42
CA GLU A 456 -33.75 20.81 17.60
C GLU A 456 -33.67 19.36 17.20
N PHE A 457 -32.64 19.02 16.44
CA PHE A 457 -32.42 17.61 16.04
C PHE A 457 -32.13 16.80 17.29
N VAL A 458 -32.44 15.49 17.25
CA VAL A 458 -32.26 14.66 18.47
C VAL A 458 -30.90 13.97 18.43
N SER A 459 -30.01 14.45 19.26
CA SER A 459 -28.64 13.91 19.31
C SER A 459 -28.61 12.54 19.98
N VAL A 460 -29.37 12.39 21.07
CA VAL A 460 -29.43 11.06 21.71
C VAL A 460 -30.89 10.74 22.06
N ARG A 461 -31.43 9.62 21.52
CA ARG A 461 -32.84 9.33 21.79
C ARG A 461 -32.95 8.22 22.86
N ALA A 462 -32.91 8.62 24.14
CA ALA A 462 -33.15 7.62 25.22
C ALA A 462 -34.64 7.49 25.43
N THR A 463 -35.07 6.41 26.10
CA THR A 463 -36.50 6.20 26.25
C THR A 463 -36.80 5.36 27.47
N HIS A 464 -37.69 5.86 28.34
CA HIS A 464 -38.08 5.10 29.52
C HIS A 464 -38.91 3.88 29.12
N ASP A 465 -39.39 3.84 27.89
CA ASP A 465 -40.06 2.61 27.46
C ASP A 465 -39.10 1.39 27.43
N PHE A 466 -37.82 1.65 27.15
CA PHE A 466 -36.82 0.61 27.06
C PHE A 466 -35.49 1.13 27.55
N PRO A 467 -35.33 1.25 28.89
CA PRO A 467 -34.10 1.78 29.45
C PRO A 467 -32.98 0.78 29.16
N LEU A 468 -31.82 1.30 28.73
CA LEU A 468 -30.67 0.43 28.61
C LEU A 468 -30.33 -0.14 29.98
N VAL A 469 -29.83 -1.37 29.99
CA VAL A 469 -29.42 -2.04 31.23
C VAL A 469 -27.89 -2.03 31.27
N GLY A 470 -27.34 -1.46 32.32
CA GLY A 470 -25.88 -1.53 32.55
C GLY A 470 -25.10 -0.66 31.56
N ALA A 471 -25.73 0.39 31.04
CA ALA A 471 -25.04 1.26 30.10
C ALA A 471 -24.04 2.15 30.89
N THR A 472 -22.88 2.45 30.30
CA THR A 472 -21.90 3.36 30.91
C THR A 472 -21.48 4.49 29.96
N TYR A 473 -21.12 5.62 30.55
CA TYR A 473 -20.88 6.88 29.82
C TYR A 473 -19.57 7.43 30.28
N THR A 474 -18.60 7.55 29.38
CA THR A 474 -17.31 8.13 29.74
C THR A 474 -16.98 9.26 28.78
N ASP A 475 -16.95 10.52 29.26
CA ASP A 475 -16.51 11.67 28.44
C ASP A 475 -17.31 11.79 27.13
N GLU A 476 -18.62 11.64 27.25
CA GLU A 476 -19.52 11.85 26.10
C GLU A 476 -19.84 13.34 25.95
N THR A 477 -20.06 13.78 24.70
CA THR A 477 -20.41 15.16 24.38
C THR A 477 -21.61 15.11 23.47
N TYR A 478 -22.74 15.58 23.98
CA TYR A 478 -23.99 15.58 23.18
C TYR A 478 -24.52 16.97 23.08
N VAL A 479 -24.55 17.52 21.85
CA VAL A 479 -25.08 18.89 21.64
C VAL A 479 -26.35 18.81 20.80
N GLY A 480 -27.48 19.29 21.33
CA GLY A 480 -28.77 19.09 20.66
C GLY A 480 -29.72 18.34 21.60
N GLN A 481 -30.95 18.09 21.14
CA GLN A 481 -31.97 17.46 22.00
C GLN A 481 -31.52 16.12 22.50
N VAL A 482 -31.74 15.84 23.79
CA VAL A 482 -31.55 14.50 24.36
C VAL A 482 -32.88 14.12 25.03
N THR A 483 -33.54 13.07 24.54
CA THR A 483 -34.89 12.70 25.04
C THR A 483 -34.66 11.80 26.26
N ASP A 484 -35.54 11.91 27.27
CA ASP A 484 -35.39 11.11 28.52
C ASP A 484 -33.98 11.15 29.05
N SER A 485 -33.39 12.36 29.04
CA SER A 485 -31.97 12.55 29.38
C SER A 485 -31.63 12.12 30.80
N GLU A 486 -32.65 12.06 31.67
CA GLU A 486 -32.45 11.66 33.05
C GLU A 486 -31.95 10.22 33.12
N LEU A 487 -32.12 9.46 32.03
CA LEU A 487 -31.59 8.05 31.97
C LEU A 487 -30.08 7.96 31.82
N ILE A 488 -29.45 9.08 31.48
CA ILE A 488 -28.02 9.08 31.18
C ILE A 488 -27.22 9.63 32.34
N GLU A 489 -26.24 8.88 32.81
CA GLU A 489 -25.46 9.27 34.02
C GLU A 489 -24.84 10.67 33.90
N SER A 490 -24.10 10.92 32.83
CA SER A 490 -23.59 12.27 32.61
C SER A 490 -23.07 12.36 31.21
N TYR A 491 -23.05 13.61 30.74
CA TYR A 491 -22.48 13.97 29.48
C TYR A 491 -22.21 15.45 29.49
N SER A 492 -21.33 15.88 28.61
CA SER A 492 -21.09 17.31 28.45
C SER A 492 -21.97 17.86 27.34
N VAL A 493 -22.41 19.12 27.47
CA VAL A 493 -23.10 19.85 26.39
C VAL A 493 -22.22 20.92 25.76
N GLU A 494 -20.93 20.91 26.07
CA GLU A 494 -20.02 21.90 25.51
C GLU A 494 -19.05 21.21 24.57
N LEU A 495 -19.11 21.60 23.30
CA LEU A 495 -18.16 21.08 22.29
C LEU A 495 -16.74 21.44 22.66
N PRO A 496 -15.81 20.49 22.53
CA PRO A 496 -14.42 20.95 22.63
C PRO A 496 -14.05 21.80 21.41
N LYS A 497 -12.80 22.29 21.36
CA LYS A 497 -12.30 23.10 20.23
C LYS A 497 -12.54 22.35 18.92
N VAL A 498 -13.22 22.99 17.99
CA VAL A 498 -13.45 22.37 16.69
C VAL A 498 -12.48 22.94 15.67
N THR A 499 -11.74 22.08 14.98
CA THR A 499 -11.00 22.51 13.78
C THR A 499 -11.51 21.77 12.53
N VAL A 500 -11.39 22.37 11.35
CA VAL A 500 -11.69 21.62 10.14
C VAL A 500 -10.39 21.10 9.50
N GLU A 501 -10.12 19.79 9.67
CA GLU A 501 -8.91 19.15 9.12
C GLU A 501 -9.16 18.30 7.84
N ASN A 502 -8.84 18.91 6.69
CA ASN A 502 -9.25 18.46 5.33
C ASN A 502 -10.77 18.11 5.24
N GLY A 503 -11.61 19.09 5.60
CA GLY A 503 -13.05 19.08 5.29
C GLY A 503 -13.87 18.44 6.42
N LEU A 504 -13.22 17.60 7.22
CA LEU A 504 -13.84 16.97 8.36
C LEU A 504 -13.81 17.85 9.62
N ASN A 505 -14.85 17.80 10.46
CA ASN A 505 -14.70 18.33 11.85
C ASN A 505 -13.83 17.48 12.73
N ALA A 506 -12.86 18.11 13.37
CA ALA A 506 -12.03 17.39 14.33
C ALA A 506 -12.33 18.07 15.65
N TYR A 507 -12.63 17.26 16.68
CA TYR A 507 -13.01 17.76 18.00
C TYR A 507 -11.86 17.51 18.93
N GLN A 508 -11.33 18.56 19.56
CA GLN A 508 -10.11 18.33 20.35
C GLN A 508 -10.24 17.24 21.41
N GLY A 509 -9.46 16.19 21.26
CA GLY A 509 -9.41 15.11 22.23
C GLY A 509 -10.61 14.18 22.36
N GLU A 510 -11.60 14.33 21.46
CA GLU A 510 -12.87 13.52 21.54
C GLU A 510 -13.34 13.15 20.14
N GLY A 511 -14.33 12.27 20.06
CA GLY A 511 -14.88 12.02 18.72
C GLY A 511 -13.91 11.24 17.85
N ALA A 512 -14.27 11.16 16.57
CA ALA A 512 -13.50 10.34 15.60
C ALA A 512 -12.19 11.08 15.32
N ASP A 513 -11.08 10.35 15.43
CA ASP A 513 -9.77 10.90 15.09
C ASP A 513 -9.71 11.03 13.59
N VAL A 514 -9.56 12.26 13.07
CA VAL A 514 -9.65 12.47 11.61
C VAL A 514 -8.42 11.91 10.86
N SER A 515 -7.37 11.61 11.62
CA SER A 515 -6.21 10.95 11.06
C SER A 515 -6.46 9.55 10.54
N LYS A 516 -7.53 8.91 11.02
CA LYS A 516 -7.88 7.53 10.61
C LYS A 516 -8.96 7.52 9.52
N LEU A 517 -9.40 8.70 9.06
CA LEU A 517 -10.54 8.81 8.14
C LEU A 517 -10.12 9.37 6.82
N SER A 518 -10.69 8.84 5.74
CA SER A 518 -10.51 9.48 4.44
C SER A 518 -11.62 9.08 3.49
N VAL A 519 -12.00 9.98 2.60
CA VAL A 519 -13.09 9.71 1.66
C VAL A 519 -12.52 8.76 0.57
N VAL A 520 -13.26 7.69 0.29
CA VAL A 520 -12.88 6.80 -0.83
C VAL A 520 -13.47 7.41 -2.12
N THR A 521 -12.64 7.54 -3.17
CA THR A 521 -13.13 7.95 -4.47
C THR A 521 -12.65 6.90 -5.50
N ALA A 522 -13.09 7.09 -6.72
CA ALA A 522 -12.66 6.29 -7.87
C ALA A 522 -11.14 6.38 -8.16
N GLU A 523 -10.43 7.24 -7.43
CA GLU A 523 -8.96 7.19 -7.47
C GLU A 523 -8.42 5.87 -6.99
N THR A 524 -9.12 5.22 -6.06
CA THR A 524 -8.73 3.89 -5.65
C THR A 524 -9.84 2.86 -5.78
N ALA A 525 -11.11 3.30 -5.85
CA ALA A 525 -12.21 2.31 -5.84
C ALA A 525 -12.68 2.02 -7.25
N GLY A 526 -13.11 0.78 -7.47
CA GLY A 526 -13.72 0.41 -8.73
C GLY A 526 -12.68 0.04 -9.79
N PRO A 527 -13.16 -0.23 -11.01
CA PRO A 527 -12.24 -0.73 -12.05
C PRO A 527 -11.43 0.42 -12.69
N ASP A 528 -10.59 0.09 -13.66
CA ASP A 528 -9.79 1.15 -14.30
C ASP A 528 -10.43 1.77 -15.57
N TYR A 529 -11.74 1.55 -15.78
CA TYR A 529 -12.42 2.08 -16.97
C TYR A 529 -13.83 2.46 -16.61
N VAL A 530 -14.48 3.25 -17.46
CA VAL A 530 -15.89 3.58 -17.36
C VAL A 530 -16.51 3.19 -18.70
N LEU A 531 -17.80 2.84 -18.72
CA LEU A 531 -18.46 2.36 -19.94
C LEU A 531 -19.35 3.42 -20.51
N GLU A 532 -19.44 3.52 -21.85
CA GLU A 532 -20.43 4.39 -22.55
C GLU A 532 -21.38 3.60 -23.44
N ASN A 533 -22.54 4.19 -23.71
CA ASN A 533 -23.54 3.59 -24.55
C ASN A 533 -24.05 2.29 -23.94
N THR A 534 -24.19 2.30 -22.63
CA THR A 534 -24.84 1.20 -21.89
C THR A 534 -26.35 1.36 -21.96
N THR A 535 -27.08 0.31 -21.59
CA THR A 535 -28.52 0.36 -21.54
C THR A 535 -28.95 -0.28 -20.23
N LYS A 536 -29.83 0.40 -19.50
CA LYS A 536 -30.38 -0.09 -18.23
C LYS A 536 -31.33 -1.26 -18.48
N PRO B 38 23.58 26.69 10.84
CA PRO B 38 22.68 26.19 9.77
C PRO B 38 21.77 25.03 10.25
N SER B 39 20.49 25.27 10.51
CA SER B 39 19.60 24.19 11.04
C SER B 39 19.04 23.31 9.90
N ILE B 40 18.49 22.15 10.25
CA ILE B 40 18.25 21.07 9.26
C ILE B 40 17.64 21.56 7.95
N SER B 41 16.53 22.29 8.07
CA SER B 41 15.77 22.73 6.89
C SER B 41 16.52 23.75 6.03
N GLU B 42 17.57 24.35 6.60
CA GLU B 42 18.38 25.36 5.94
C GLU B 42 19.65 24.77 5.32
N ILE B 43 19.92 23.47 5.54
CA ILE B 43 21.14 22.86 4.98
C ILE B 43 21.13 22.93 3.46
N ASP B 44 22.26 23.21 2.82
CA ASP B 44 22.30 23.17 1.38
C ASP B 44 23.64 22.66 0.93
N ARG B 45 23.84 22.51 -0.37
CA ARG B 45 25.10 21.90 -0.80
C ARG B 45 26.37 22.69 -0.53
N SER B 46 26.28 24.04 -0.51
CA SER B 46 27.44 24.88 -0.07
C SER B 46 27.90 24.50 1.30
N TYR B 47 26.97 24.44 2.24
CA TYR B 47 27.32 24.10 3.60
C TYR B 47 27.96 22.73 3.68
N LEU B 48 27.28 21.74 3.10
CA LEU B 48 27.73 20.37 3.17
C LEU B 48 29.12 20.22 2.54
N LEU B 49 29.39 20.96 1.47
CA LEU B 49 30.66 20.82 0.77
C LEU B 49 31.79 21.77 1.24
N SER B 50 31.49 22.63 2.24
CA SER B 50 32.48 23.62 2.72
C SER B 50 33.40 23.13 3.80
N SER B 51 34.68 23.47 3.65
CA SER B 51 35.63 23.19 4.70
C SER B 51 36.87 24.03 4.41
N ASP B 52 37.43 24.62 5.46
CA ASP B 52 38.71 25.35 5.40
C ASP B 52 39.86 24.47 5.01
N ARG B 53 39.76 23.17 5.30
CA ARG B 53 40.87 22.26 5.05
C ARG B 53 41.19 22.08 3.56
N LEU B 54 40.29 22.50 2.68
CA LEU B 54 40.41 22.12 1.24
C LEU B 54 41.31 23.08 0.45
N THR B 55 42.34 22.53 -0.18
CA THR B 55 43.14 23.20 -1.25
C THR B 55 42.38 23.28 -2.56
N GLU B 56 42.60 24.34 -3.34
CA GLU B 56 41.98 24.44 -4.64
C GLU B 56 43.07 24.03 -5.63
N VAL B 57 42.77 23.12 -6.57
CA VAL B 57 43.70 22.75 -7.66
C VAL B 57 43.11 23.21 -9.00
N ASP B 58 43.89 23.98 -9.77
CA ASP B 58 43.41 24.58 -11.01
C ASP B 58 43.94 23.75 -12.17
N GLY B 59 43.03 23.03 -12.82
CA GLY B 59 43.37 22.19 -13.95
C GLY B 59 44.08 22.96 -15.05
N ASN B 60 43.71 24.22 -15.23
CA ASN B 60 44.34 25.05 -16.25
C ASN B 60 45.85 25.30 -15.99
N THR B 61 46.33 25.08 -14.76
CA THR B 61 47.75 25.17 -14.50
C THR B 61 48.54 23.90 -14.78
N LEU B 62 47.89 22.87 -15.30
CA LEU B 62 48.54 21.58 -15.46
C LEU B 62 48.91 21.40 -16.91
N ASP B 63 50.07 20.83 -17.13
CA ASP B 63 50.55 20.59 -18.47
C ASP B 63 50.07 19.25 -18.99
N VAL B 64 49.73 19.21 -20.26
CA VAL B 64 49.32 17.98 -20.94
C VAL B 64 50.53 17.17 -21.34
N ALA B 65 50.72 16.00 -20.73
CA ALA B 65 51.79 15.10 -21.09
C ALA B 65 51.73 14.70 -22.56
N SER B 66 52.92 14.53 -23.14
CA SER B 66 53.07 14.07 -24.51
C SER B 66 52.88 12.57 -24.55
N GLU B 67 52.66 12.04 -25.76
CA GLU B 67 52.54 10.59 -25.95
C GLU B 67 53.73 9.84 -25.41
N GLU B 68 54.90 10.47 -25.50
CA GLU B 68 56.16 9.85 -25.05
C GLU B 68 56.17 9.77 -23.53
N GLN B 69 55.78 10.89 -22.89
CA GLN B 69 55.68 10.97 -21.43
C GLN B 69 54.60 10.04 -20.86
N VAL B 70 53.45 9.97 -21.52
CA VAL B 70 52.43 8.99 -21.11
C VAL B 70 52.99 7.56 -21.13
N ALA B 71 53.68 7.19 -22.22
CA ALA B 71 54.24 5.84 -22.36
C ALA B 71 55.31 5.55 -21.27
N ALA B 72 56.08 6.57 -20.95
CA ALA B 72 57.12 6.51 -19.92
C ALA B 72 56.52 6.28 -18.52
N LEU B 73 55.49 7.05 -18.20
CA LEU B 73 54.71 6.81 -16.98
C LEU B 73 54.09 5.42 -16.98
N LYS B 74 53.53 4.98 -18.12
CA LYS B 74 52.93 3.65 -18.18
C LYS B 74 53.91 2.49 -17.88
N ALA B 75 55.14 2.60 -18.41
CA ALA B 75 56.20 1.60 -18.18
C ALA B 75 56.60 1.52 -16.70
N GLN B 76 56.73 2.69 -16.07
CA GLN B 76 56.95 2.79 -14.61
C GLN B 76 55.92 1.99 -13.82
N PHE B 77 54.64 2.17 -14.15
CA PHE B 77 53.57 1.34 -13.57
C PHE B 77 53.82 -0.17 -13.73
N GLU B 78 54.09 -0.60 -14.97
CA GLU B 78 54.23 -2.02 -15.30
C GLU B 78 55.57 -2.63 -14.80
N ASN B 79 56.54 -1.78 -14.49
CA ASN B 79 57.83 -2.27 -13.96
C ASN B 79 58.01 -2.17 -12.44
N LEU B 80 56.96 -1.76 -11.74
CA LEU B 80 56.99 -1.70 -10.27
C LEU B 80 57.43 -3.02 -9.67
N LYS B 81 58.24 -2.92 -8.62
CA LYS B 81 58.66 -4.06 -7.81
C LYS B 81 57.96 -3.91 -6.45
N ASP B 82 57.75 -5.01 -5.73
CA ASP B 82 57.13 -4.90 -4.42
C ASP B 82 57.74 -3.80 -3.55
N GLY B 83 56.90 -2.96 -2.96
CA GLY B 83 57.37 -2.00 -1.98
C GLY B 83 57.73 -0.63 -2.53
N ASP B 84 57.72 -0.49 -3.85
CA ASP B 84 58.02 0.79 -4.48
C ASP B 84 56.80 1.70 -4.57
N GLU B 85 57.00 2.84 -5.20
CA GLU B 85 56.01 3.89 -5.28
C GLU B 85 56.16 4.55 -6.64
N VAL B 86 55.08 5.03 -7.23
CA VAL B 86 55.18 5.92 -8.39
C VAL B 86 54.58 7.24 -7.96
N VAL B 87 55.34 8.33 -8.12
CA VAL B 87 54.85 9.66 -7.86
C VAL B 87 54.62 10.36 -9.18
N ILE B 88 53.37 10.67 -9.47
CA ILE B 88 53.00 11.20 -10.76
C ILE B 88 53.14 12.73 -10.76
N PRO B 89 54.08 13.26 -11.56
CA PRO B 89 54.21 14.75 -11.66
C PRO B 89 52.90 15.40 -12.06
N ASN B 90 52.62 16.58 -11.51
CA ASN B 90 51.47 17.37 -11.93
C ASN B 90 51.30 17.40 -13.45
N GLY B 91 50.09 17.16 -13.93
CA GLY B 91 49.86 17.18 -15.37
C GLY B 91 48.66 16.35 -15.74
N LYS B 92 48.34 16.34 -17.01
CA LYS B 92 47.15 15.67 -17.52
C LYS B 92 47.66 14.59 -18.44
N TYR B 93 47.30 13.34 -18.15
CA TYR B 93 47.79 12.17 -18.89
C TYR B 93 46.63 11.46 -19.60
N ALA B 94 46.55 11.64 -20.91
CA ALA B 94 45.48 11.10 -21.76
C ALA B 94 45.72 9.64 -22.21
N ASN B 95 44.70 8.81 -22.10
CA ASN B 95 44.75 7.48 -22.70
C ASN B 95 45.84 6.51 -22.26
N LEU B 96 46.06 6.47 -20.96
CA LEU B 96 46.97 5.48 -20.39
C LEU B 96 46.51 4.07 -20.68
N GLY B 97 45.21 3.88 -20.91
CA GLY B 97 44.77 2.55 -21.34
C GLY B 97 44.76 1.51 -20.23
N GLN B 98 45.13 0.28 -20.58
CA GLN B 98 45.05 -0.81 -19.61
C GLN B 98 46.35 -0.84 -18.79
N VAL B 99 46.26 -0.49 -17.52
CA VAL B 99 47.43 -0.43 -16.63
C VAL B 99 47.35 -1.54 -15.58
N THR B 100 48.15 -2.61 -15.76
CA THR B 100 48.12 -3.79 -14.83
C THR B 100 49.16 -3.71 -13.74
N ILE B 101 48.73 -3.59 -12.48
CA ILE B 101 49.70 -3.53 -11.36
C ILE B 101 49.76 -4.89 -10.70
N THR B 102 50.90 -5.58 -10.85
CA THR B 102 51.06 -6.92 -10.28
C THR B 102 51.88 -6.87 -9.01
N ALA B 103 52.62 -5.78 -8.79
CA ALA B 103 53.43 -5.68 -7.58
C ALA B 103 52.54 -5.62 -6.32
N ASN B 104 53.07 -6.05 -5.19
CA ASN B 104 52.46 -5.81 -3.87
C ASN B 104 53.07 -4.66 -3.11
N ASP B 105 52.36 -4.18 -2.09
CA ASP B 105 52.83 -3.07 -1.24
C ASP B 105 53.35 -1.87 -1.97
N VAL B 106 52.65 -1.49 -3.03
CA VAL B 106 53.00 -0.32 -3.80
C VAL B 106 51.96 0.81 -3.63
N THR B 107 52.44 2.06 -3.77
CA THR B 107 51.62 3.24 -3.79
C THR B 107 51.82 3.94 -5.13
N ILE B 108 50.70 4.28 -5.78
CA ILE B 108 50.70 5.21 -6.88
C ILE B 108 50.00 6.45 -6.42
N ARG B 109 50.70 7.58 -6.45
CA ARG B 109 50.13 8.85 -5.96
C ARG B 109 50.44 10.08 -6.80
N ALA B 110 49.59 11.11 -6.73
CA ALA B 110 49.90 12.38 -7.36
C ALA B 110 50.99 13.06 -6.55
N GLU B 111 51.89 13.75 -7.23
CA GLU B 111 52.91 14.50 -6.50
C GLU B 111 52.25 15.56 -5.61
N GLN B 112 51.27 16.27 -6.14
CA GLN B 112 50.44 17.10 -5.30
C GLN B 112 49.01 16.51 -5.44
N ALA B 113 48.37 16.25 -4.31
CA ALA B 113 47.00 15.69 -4.37
C ALA B 113 46.08 16.44 -5.32
N GLY B 114 45.42 15.70 -6.22
CA GLY B 114 44.47 16.34 -7.13
C GLY B 114 45.05 16.91 -8.42
N ALA B 115 46.35 16.74 -8.62
CA ALA B 115 47.04 17.44 -9.72
C ALA B 115 47.60 16.47 -10.76
N ALA B 116 47.27 15.17 -10.61
CA ALA B 116 47.54 14.20 -11.69
C ALA B 116 46.15 13.85 -12.27
N TRP B 117 45.82 14.42 -13.44
CA TRP B 117 44.51 14.20 -14.05
C TRP B 117 44.71 13.12 -15.13
N LEU B 118 43.95 12.04 -15.02
CA LEU B 118 44.06 10.91 -15.92
C LEU B 118 42.80 10.98 -16.78
N THR B 119 43.01 11.23 -18.09
CA THR B 119 41.92 11.48 -19.00
C THR B 119 41.86 10.41 -20.14
N GLY B 120 40.90 10.55 -21.04
CA GLY B 120 40.64 9.51 -22.05
C GLY B 120 40.37 8.14 -21.37
N LEU B 121 40.76 7.07 -22.05
CA LEU B 121 40.46 5.74 -21.58
C LEU B 121 41.58 5.24 -20.66
N ILE B 122 41.20 4.69 -19.48
CA ILE B 122 42.16 4.12 -18.55
C ILE B 122 41.45 3.09 -17.69
N GLN B 123 42.16 2.02 -17.33
CA GLN B 123 41.75 1.17 -16.19
C GLN B 123 43.00 0.74 -15.44
N PHE B 124 43.05 1.05 -14.13
CA PHE B 124 44.06 0.43 -13.27
C PHE B 124 43.52 -0.94 -12.88
N GLU B 125 44.18 -2.00 -13.33
CA GLU B 125 43.81 -3.35 -12.91
C GLU B 125 44.76 -3.78 -11.77
N LEU B 126 44.28 -3.70 -10.52
CA LEU B 126 45.14 -3.88 -9.33
C LEU B 126 45.15 -5.37 -8.96
N LYS B 127 46.19 -6.08 -9.40
CA LYS B 127 46.26 -7.53 -9.16
C LYS B 127 46.99 -7.89 -7.91
N GLY B 128 47.98 -7.08 -7.54
CA GLY B 128 48.75 -7.26 -6.29
C GLY B 128 47.95 -6.97 -5.05
N ASP B 129 48.52 -7.32 -3.89
CA ASP B 129 47.92 -7.04 -2.61
C ASP B 129 48.49 -5.75 -2.08
N ASP B 130 47.76 -5.08 -1.19
CA ASP B 130 48.28 -3.88 -0.52
C ASP B 130 48.76 -2.80 -1.52
N ILE B 131 48.00 -2.59 -2.58
CA ILE B 131 48.23 -1.49 -3.51
C ILE B 131 47.36 -0.30 -3.08
N THR B 132 47.93 0.89 -3.04
CA THR B 132 47.21 2.11 -2.72
C THR B 132 47.28 3.08 -3.90
N LEU B 133 46.12 3.56 -4.36
CA LEU B 133 46.04 4.68 -5.27
C LEU B 133 45.62 5.89 -4.45
N ASP B 134 46.36 7.02 -4.59
CA ASP B 134 46.23 8.14 -3.67
C ASP B 134 46.34 9.48 -4.41
N GLY B 135 45.30 10.30 -4.32
CA GLY B 135 45.32 11.67 -4.86
C GLY B 135 45.12 11.81 -6.37
N LEU B 136 44.45 10.83 -7.00
CA LEU B 136 44.27 10.83 -8.46
C LEU B 136 42.96 11.45 -8.91
N VAL B 137 42.95 11.94 -10.15
CA VAL B 137 41.78 12.49 -10.75
C VAL B 137 41.47 11.71 -12.00
N PHE B 138 40.21 11.29 -12.11
CA PHE B 138 39.75 10.66 -13.35
C PHE B 138 38.68 11.57 -13.96
N THR B 139 38.94 12.15 -15.16
CA THR B 139 37.95 13.06 -15.72
C THR B 139 38.17 13.13 -17.22
N GLU B 140 37.18 13.66 -17.92
CA GLU B 140 37.26 13.88 -19.39
C GLU B 140 37.73 12.61 -20.10
N GLY B 141 37.03 11.52 -19.82
CA GLY B 141 37.48 10.20 -20.31
C GLY B 141 36.51 9.22 -19.68
N GLY B 142 36.89 7.94 -19.70
CA GLY B 142 36.03 6.86 -19.17
C GLY B 142 36.82 5.60 -18.99
N PRO B 143 36.19 4.58 -18.37
CA PRO B 143 36.88 3.28 -18.11
C PRO B 143 37.27 2.56 -19.40
N ASN B 144 38.46 1.98 -19.40
CA ASN B 144 38.96 1.22 -20.52
C ASN B 144 38.31 -0.14 -20.60
N GLU B 145 37.73 -0.60 -19.49
CA GLU B 145 36.97 -1.83 -19.49
C GLU B 145 35.81 -1.61 -18.52
N ARG B 146 34.67 -2.29 -18.72
CA ARG B 146 33.42 -1.87 -18.00
C ARG B 146 33.37 -1.97 -16.48
N PHE B 147 34.29 -2.74 -15.89
CA PHE B 147 34.35 -2.80 -14.44
C PHE B 147 35.18 -1.69 -13.79
N GLY B 148 35.50 -0.63 -14.57
CA GLY B 148 35.83 0.66 -13.98
C GLY B 148 37.19 1.25 -14.31
N ALA B 149 37.42 2.50 -13.89
CA ALA B 149 38.79 3.10 -13.90
C ALA B 149 39.71 2.35 -12.93
N VAL B 150 39.14 1.75 -11.87
CA VAL B 150 39.96 1.08 -10.85
C VAL B 150 39.30 -0.30 -10.53
N ARG B 151 40.00 -1.37 -10.92
CA ARG B 151 39.53 -2.73 -10.68
C ARG B 151 40.40 -3.23 -9.51
N MET B 152 39.82 -3.30 -8.32
CA MET B 152 40.59 -3.66 -7.12
C MET B 152 40.46 -5.16 -6.97
N MET B 153 41.42 -5.89 -7.57
CA MET B 153 41.37 -7.36 -7.61
C MET B 153 42.12 -8.02 -6.44
N GLY B 154 43.17 -7.37 -5.95
CA GLY B 154 43.94 -7.88 -4.83
C GLY B 154 43.34 -7.68 -3.45
N ASN B 155 44.06 -8.11 -2.42
CA ASN B 155 43.55 -7.97 -1.07
C ASN B 155 44.19 -6.77 -0.46
N GLY B 156 43.48 -6.06 0.42
CA GLY B 156 44.09 -4.90 1.04
C GLY B 156 44.33 -3.80 0.03
N ASN B 157 43.54 -3.75 -1.07
CA ASN B 157 43.68 -2.63 -2.00
C ASN B 157 42.98 -1.33 -1.46
N THR B 158 43.52 -0.15 -1.73
CA THR B 158 42.92 1.09 -1.26
C THR B 158 42.88 2.13 -2.34
N LEU B 159 41.76 2.84 -2.40
CA LEU B 159 41.61 4.00 -3.27
C LEU B 159 41.26 5.13 -2.33
N GLN B 160 42.11 6.15 -2.30
CA GLN B 160 41.91 7.24 -1.38
C GLN B 160 42.29 8.62 -1.98
N ASN B 161 41.67 9.64 -1.39
CA ASN B 161 41.86 11.05 -1.75
C ASN B 161 41.73 11.35 -3.24
N SER B 162 40.84 10.63 -3.93
CA SER B 162 40.78 10.68 -5.38
C SER B 162 39.43 11.23 -5.82
N THR B 163 39.40 11.82 -7.02
CA THR B 163 38.24 12.46 -7.57
C THR B 163 37.91 11.95 -8.94
N PHE B 164 36.66 11.53 -9.09
CA PHE B 164 36.08 11.23 -10.40
C PHE B 164 35.17 12.38 -10.72
N TYR B 165 35.37 12.99 -11.89
CA TYR B 165 34.54 14.13 -12.27
C TYR B 165 33.98 13.82 -13.64
N TYR B 166 32.72 13.41 -13.67
CA TYR B 166 32.01 13.19 -14.98
C TYR B 166 32.81 12.30 -15.94
N PHE B 167 33.19 11.14 -15.45
CA PHE B 167 34.07 10.21 -16.19
C PHE B 167 33.19 9.30 -17.01
N ASN B 168 32.47 9.92 -17.96
CA ASN B 168 31.38 9.29 -18.74
C ASN B 168 31.70 9.22 -20.21
N HIS B 169 32.97 9.31 -20.59
CA HIS B 169 33.27 9.57 -22.02
C HIS B 169 34.20 8.57 -22.67
N ASP B 170 34.21 8.60 -23.99
CA ASP B 170 35.22 7.94 -24.82
C ASP B 170 35.05 6.47 -25.00
N TYR B 171 34.17 5.84 -24.24
CA TYR B 171 33.85 4.43 -24.53
C TYR B 171 32.56 4.34 -25.34
N THR B 172 32.38 3.27 -26.12
CA THR B 172 31.20 3.13 -26.94
C THR B 172 29.96 2.99 -26.07
N TYR B 173 28.88 3.67 -26.45
CA TYR B 173 27.71 3.76 -25.59
C TYR B 173 26.46 3.75 -26.39
N GLU B 174 26.02 2.56 -26.75
CA GLU B 174 24.91 2.45 -27.72
C GLU B 174 23.93 1.42 -27.24
N PRO B 175 22.64 1.57 -27.59
CA PRO B 175 21.69 0.47 -27.30
C PRO B 175 22.12 -0.79 -28.04
N ASP B 176 22.15 -1.94 -27.38
CA ASP B 176 22.68 -3.15 -28.05
C ASP B 176 21.67 -3.73 -29.06
N GLU B 177 22.15 -4.63 -29.92
CA GLU B 177 21.27 -5.27 -30.92
C GLU B 177 20.27 -6.27 -30.28
N ARG B 178 20.66 -7.01 -29.24
CA ARG B 178 19.73 -8.02 -28.65
C ARG B 178 18.47 -7.35 -28.15
N ARG B 179 18.61 -6.26 -27.38
CA ARG B 179 17.38 -5.64 -26.78
C ARG B 179 17.47 -4.14 -26.48
N SER B 180 18.33 -3.44 -27.22
CA SER B 180 18.51 -1.99 -27.10
C SER B 180 18.90 -1.62 -25.66
N GLU B 181 19.64 -2.51 -25.01
CA GLU B 181 20.23 -2.22 -23.67
C GLU B 181 21.55 -1.44 -23.76
N TYR B 182 21.66 -0.32 -23.05
CA TYR B 182 22.93 0.43 -22.95
C TYR B 182 23.92 -0.27 -22.00
N PRO B 183 25.21 -0.22 -22.31
CA PRO B 183 26.17 -0.93 -21.47
C PRO B 183 26.35 -0.32 -20.09
N LYS B 184 26.51 -1.19 -19.11
CA LYS B 184 26.81 -0.78 -17.73
C LYS B 184 28.33 -0.61 -17.55
N TYR B 185 28.75 0.62 -17.30
CA TYR B 185 30.16 0.91 -16.97
C TYR B 185 30.26 1.38 -15.56
N LEU B 186 31.05 0.69 -14.74
CA LEU B 186 31.25 1.07 -13.33
C LEU B 186 32.40 2.06 -13.28
N TRP B 187 32.58 2.74 -12.14
CA TRP B 187 33.82 3.52 -11.95
C TRP B 187 34.87 2.81 -11.08
N VAL B 188 34.42 2.15 -10.01
CA VAL B 188 35.32 1.37 -9.13
C VAL B 188 34.69 0.00 -8.91
N SER B 189 35.48 -1.08 -9.03
CA SER B 189 34.94 -2.40 -8.56
C SER B 189 35.96 -3.06 -7.61
N LEU B 190 35.40 -3.80 -6.67
CA LEU B 190 36.19 -4.52 -5.65
C LEU B 190 35.89 -6.01 -5.83
N TRP B 191 36.96 -6.80 -6.00
CA TRP B 191 36.80 -8.21 -6.29
C TRP B 191 37.59 -9.01 -5.26
N GLY B 192 38.37 -8.32 -4.40
CA GLY B 192 39.19 -8.99 -3.40
C GLY B 192 38.62 -8.96 -1.99
N LYS B 193 39.52 -8.84 -1.02
CA LYS B 193 39.15 -8.78 0.40
C LYS B 193 39.77 -7.55 1.00
N ASP B 194 39.13 -7.04 2.05
CA ASP B 194 39.66 -5.95 2.86
C ASP B 194 40.03 -4.75 2.00
N GLY B 195 39.16 -4.40 1.05
CA GLY B 195 39.37 -3.19 0.22
C GLY B 195 38.95 -1.96 1.03
N LYS B 196 39.53 -0.83 0.67
CA LYS B 196 39.09 0.41 1.28
C LYS B 196 38.88 1.40 0.15
N VAL B 197 37.75 2.10 0.19
CA VAL B 197 37.46 3.20 -0.73
C VAL B 197 37.07 4.34 0.21
N ILE B 198 38.01 5.28 0.41
CA ILE B 198 37.88 6.26 1.50
C ILE B 198 38.32 7.64 1.06
N ASN B 199 37.59 8.66 1.51
CA ASN B 199 37.99 10.06 1.26
C ASN B 199 38.16 10.38 -0.20
N ASN B 200 37.22 9.90 -1.02
CA ASN B 200 37.17 10.19 -2.45
C ASN B 200 35.97 11.04 -2.77
N ARG B 201 35.99 11.67 -3.94
CA ARG B 201 34.83 12.38 -4.43
C ARG B 201 34.37 11.77 -5.73
N PHE B 202 33.09 11.40 -5.81
CA PHE B 202 32.58 10.69 -6.98
C PHE B 202 31.50 11.54 -7.50
N GLU B 203 31.82 12.38 -8.48
CA GLU B 203 30.89 13.41 -8.91
C GLU B 203 30.48 13.25 -10.38
N GLY B 204 29.17 13.28 -10.65
CA GLY B 204 28.64 13.33 -12.00
C GLY B 204 28.58 12.04 -12.78
N LYS B 205 28.26 10.89 -12.14
CA LYS B 205 28.10 9.65 -12.96
C LYS B 205 26.75 9.71 -13.69
N GLN B 206 26.78 9.80 -15.03
CA GLN B 206 25.57 10.15 -15.78
C GLN B 206 25.48 9.28 -17.02
N LYS B 207 26.13 8.11 -16.96
CA LYS B 207 25.78 7.05 -17.93
C LYS B 207 25.54 5.75 -17.10
N ARG B 208 24.95 4.76 -17.75
CA ARG B 208 24.45 3.57 -17.01
C ARG B 208 25.57 2.80 -16.29
N GLY B 209 25.22 2.17 -15.15
CA GLY B 209 26.17 1.27 -14.44
C GLY B 209 26.31 1.79 -13.02
N THR B 210 26.38 0.87 -12.06
CA THR B 210 26.60 1.25 -10.66
C THR B 210 27.99 1.94 -10.55
N LEU B 211 28.10 2.94 -9.67
CA LEU B 211 29.33 3.75 -9.58
C LEU B 211 30.43 2.87 -8.90
N ILE B 212 30.09 2.25 -7.77
CA ILE B 212 31.00 1.25 -7.12
C ILE B 212 30.27 -0.12 -7.15
N GLY B 213 30.94 -1.18 -7.63
CA GLY B 213 30.36 -2.52 -7.54
C GLY B 213 31.30 -3.43 -6.72
N VAL B 214 30.70 -4.25 -5.86
CA VAL B 214 31.44 -5.27 -5.13
C VAL B 214 31.03 -6.62 -5.76
N GLN B 215 32.04 -7.32 -6.25
CA GLN B 215 31.90 -8.62 -6.92
C GLN B 215 32.59 -9.59 -5.91
N LYS B 216 31.84 -10.49 -5.31
CA LYS B 216 32.39 -11.24 -4.21
C LYS B 216 32.21 -12.74 -4.41
N ASP B 217 32.89 -13.51 -3.57
CA ASP B 217 32.72 -14.98 -3.57
C ASP B 217 31.93 -15.37 -2.33
N ASP B 218 32.11 -16.62 -1.90
CA ASP B 218 31.37 -17.22 -0.80
C ASP B 218 31.80 -16.89 0.63
N THR B 219 32.88 -16.13 0.80
CA THR B 219 33.35 -15.78 2.14
C THR B 219 33.21 -14.29 2.35
N PRO B 220 33.30 -13.84 3.62
CA PRO B 220 33.21 -12.40 3.91
C PRO B 220 34.28 -11.58 3.20
N ASP B 221 33.91 -10.35 2.83
CA ASP B 221 34.82 -9.42 2.14
C ASP B 221 35.42 -8.38 3.06
N ASN B 222 34.63 -7.90 4.03
CA ASN B 222 35.14 -6.89 4.94
C ASN B 222 35.67 -5.63 4.27
N HIS B 223 34.97 -5.16 3.24
CA HIS B 223 35.36 -3.91 2.61
C HIS B 223 34.93 -2.75 3.47
N LEU B 224 35.59 -1.62 3.29
CA LEU B 224 35.19 -0.34 3.96
C LEU B 224 35.06 0.75 2.92
N ILE B 225 33.84 1.25 2.75
CA ILE B 225 33.57 2.35 1.85
C ILE B 225 33.11 3.50 2.75
N ALA B 226 34.00 4.45 3.01
CA ALA B 226 33.67 5.41 4.11
C ALA B 226 34.23 6.80 3.80
N ASN B 227 33.58 7.85 4.29
CA ASN B 227 34.11 9.23 4.25
C ASN B 227 34.24 9.69 2.79
N ASN B 228 33.36 9.20 1.90
CA ASN B 228 33.38 9.68 0.51
C ASN B 228 32.31 10.69 0.25
N ILE B 229 32.53 11.56 -0.75
CA ILE B 229 31.46 12.37 -1.27
C ILE B 229 30.94 11.77 -2.58
N PHE B 230 29.60 11.65 -2.70
CA PHE B 230 28.97 11.25 -3.94
C PHE B 230 28.01 12.35 -4.35
N MET B 231 28.10 12.83 -5.60
CA MET B 231 27.23 13.91 -6.07
C MET B 231 26.75 13.69 -7.49
N ASP B 232 25.49 14.08 -7.72
CA ASP B 232 24.97 14.32 -9.05
C ASP B 232 24.98 13.16 -10.01
N GLN B 233 24.74 11.96 -9.49
CA GLN B 233 24.48 10.83 -10.36
C GLN B 233 23.04 11.00 -10.86
N LYS B 234 22.84 10.83 -12.16
CA LYS B 234 21.48 10.86 -12.73
C LYS B 234 21.39 10.22 -14.11
N PRO B 235 20.21 9.67 -14.44
CA PRO B 235 19.98 8.88 -15.61
C PRO B 235 19.38 9.71 -16.75
N ASN B 236 19.33 9.11 -17.92
CA ASN B 236 18.62 9.65 -19.06
C ASN B 236 19.18 11.01 -19.44
N GLN B 237 20.49 11.19 -19.38
CA GLN B 237 21.10 12.40 -19.94
C GLN B 237 21.47 12.23 -21.40
N PHE B 238 21.36 11.02 -21.93
CA PHE B 238 21.72 10.73 -23.32
C PHE B 238 20.60 10.02 -24.04
N ASN B 239 19.36 10.38 -23.69
CA ASN B 239 18.15 9.88 -24.36
C ASN B 239 17.91 8.39 -24.21
N GLU B 240 18.53 7.77 -23.20
CA GLU B 240 18.40 6.36 -23.03
C GLU B 240 16.95 5.88 -22.90
N PHE B 241 16.14 6.68 -22.23
CA PHE B 241 14.77 6.33 -21.91
C PHE B 241 13.82 6.52 -23.10
N ASP B 242 14.30 7.13 -24.20
CA ASP B 242 13.46 7.31 -25.40
C ASP B 242 13.09 6.01 -26.09
N ILE B 243 13.88 4.96 -25.87
CA ILE B 243 13.51 3.64 -26.29
C ILE B 243 12.55 3.04 -25.25
N LYS B 244 11.25 3.28 -25.47
CA LYS B 244 10.20 3.00 -24.50
C LYS B 244 10.16 1.54 -24.08
N GLU B 245 10.37 0.61 -25.02
CA GLU B 245 10.19 -0.82 -24.71
C GLU B 245 11.33 -1.36 -23.82
N ALA B 246 12.44 -0.62 -23.81
CA ALA B 246 13.62 -1.02 -23.05
C ALA B 246 13.74 -0.34 -21.68
N ILE B 247 12.74 0.46 -21.32
CA ILE B 247 12.89 1.38 -20.17
C ILE B 247 13.15 0.69 -18.80
N ARG B 248 12.54 -0.49 -18.57
CA ARG B 248 12.62 -1.11 -17.24
C ARG B 248 14.02 -1.53 -16.91
N TYR B 249 14.79 -1.95 -17.92
CA TYR B 249 16.18 -2.29 -17.69
C TYR B 249 17.11 -1.12 -17.96
N ASN B 250 16.89 -0.31 -19.03
CA ASN B 250 17.73 0.87 -19.20
C ASN B 250 17.66 1.86 -18.01
N GLY B 251 16.53 1.88 -17.31
CA GLY B 251 16.33 2.75 -16.14
C GLY B 251 16.79 2.09 -14.85
N ASN B 252 17.35 0.88 -14.96
CA ASN B 252 17.94 0.16 -13.83
C ASN B 252 19.46 0.11 -13.94
N SER B 253 20.13 -0.16 -12.81
CA SER B 253 21.61 -0.22 -12.73
C SER B 253 22.25 1.16 -12.80
N TRP B 254 21.76 2.08 -11.96
CA TRP B 254 22.39 3.40 -11.80
C TRP B 254 22.65 3.60 -10.31
N GLU B 255 23.04 2.56 -9.57
CA GLU B 255 23.19 2.75 -8.10
C GLU B 255 24.50 3.53 -7.81
N ALA B 256 24.61 4.05 -6.59
CA ALA B 256 25.90 4.66 -6.15
C ALA B 256 26.83 3.52 -5.74
N ILE B 257 26.25 2.48 -5.12
CA ILE B 257 27.02 1.29 -4.80
C ILE B 257 26.12 0.06 -4.80
N ARG B 258 26.67 -1.03 -5.32
CA ARG B 258 25.97 -2.33 -5.24
C ARG B 258 26.91 -3.25 -4.49
N ILE B 259 26.46 -3.86 -3.36
CA ILE B 259 27.36 -4.74 -2.60
C ILE B 259 26.90 -6.20 -2.83
N GLY B 260 27.55 -6.91 -3.74
CA GLY B 260 27.17 -8.31 -4.02
C GLY B 260 26.30 -8.34 -5.27
N ASP B 261 25.74 -9.52 -5.57
CA ASP B 261 24.85 -9.63 -6.71
C ASP B 261 23.95 -10.81 -6.47
N SER B 262 22.98 -11.04 -7.34
CA SER B 262 21.98 -12.09 -7.01
C SER B 262 22.66 -13.47 -6.77
N LYS B 263 23.64 -13.84 -7.62
CA LYS B 263 24.28 -15.17 -7.42
C LYS B 263 25.02 -15.30 -6.08
N SER B 264 25.62 -14.21 -5.61
N SER B 264 25.60 -14.20 -5.60
CA SER B 264 26.39 -14.25 -4.36
CA SER B 264 26.39 -14.22 -4.35
C SER B 264 25.58 -13.83 -3.13
C SER B 264 25.56 -13.86 -3.11
N SER B 265 24.28 -13.57 -3.32
CA SER B 265 23.52 -12.86 -2.32
C SER B 265 23.22 -13.63 -1.06
N GLN B 266 23.30 -14.96 -1.13
CA GLN B 266 22.99 -15.77 0.02
C GLN B 266 24.25 -16.00 0.87
N TRP B 267 25.34 -15.28 0.58
CA TRP B 267 26.54 -15.33 1.43
C TRP B 267 26.80 -13.99 2.10
N ASP B 268 27.58 -14.00 3.18
CA ASP B 268 27.98 -12.72 3.82
C ASP B 268 29.06 -11.97 3.08
N SER B 269 28.88 -10.65 2.97
CA SER B 269 29.96 -9.76 2.59
C SER B 269 30.62 -9.12 3.85
N SER B 270 29.82 -8.82 4.88
CA SER B 270 30.35 -8.12 6.06
C SER B 270 31.09 -6.82 5.65
N SER B 271 30.52 -6.06 4.72
CA SER B 271 31.17 -4.83 4.26
C SER B 271 30.47 -3.65 4.91
N LYS B 272 31.11 -2.49 4.84
CA LYS B 272 30.58 -1.30 5.56
C LYS B 272 30.50 -0.17 4.56
N PHE B 273 29.37 0.52 4.54
CA PHE B 273 29.20 1.72 3.78
C PHE B 273 28.78 2.78 4.84
N VAL B 274 29.79 3.53 5.34
CA VAL B 274 29.59 4.33 6.56
C VAL B 274 30.08 5.77 6.39
N ASN B 275 29.41 6.76 7.02
CA ASN B 275 29.96 8.11 7.09
C ASN B 275 30.19 8.77 5.75
N ASN B 276 29.36 8.43 4.75
CA ASN B 276 29.51 9.08 3.44
C ASN B 276 28.54 10.21 3.34
N LEU B 277 28.81 11.12 2.42
CA LEU B 277 27.96 12.25 2.10
C LEU B 277 27.47 12.12 0.67
N MET B 278 26.14 12.12 0.47
CA MET B 278 25.52 11.88 -0.78
C MET B 278 24.57 13.05 -1.05
N ILE B 279 24.80 13.74 -2.17
CA ILE B 279 24.03 14.92 -2.54
C ILE B 279 23.52 14.76 -3.95
N ASP B 280 22.23 14.96 -4.10
CA ASP B 280 21.58 14.93 -5.39
C ASP B 280 21.94 13.65 -6.17
N MET B 281 21.89 12.52 -5.46
CA MET B 281 22.11 11.21 -6.11
C MET B 281 20.75 10.66 -6.51
N ASP B 282 20.45 10.69 -7.81
CA ASP B 282 19.12 10.46 -8.33
C ASP B 282 19.23 9.37 -9.41
N GLY B 283 20.22 8.47 -9.28
CA GLY B 283 20.41 7.49 -10.36
C GLY B 283 19.16 6.66 -10.69
N GLU B 284 18.57 6.02 -9.67
CA GLU B 284 17.45 5.09 -9.90
C GLU B 284 16.77 4.85 -8.55
N ARG B 285 15.79 3.92 -8.49
CA ARG B 285 15.10 3.67 -7.23
C ARG B 285 16.03 3.27 -6.09
N GLU B 286 17.11 2.55 -6.45
CA GLU B 286 18.14 2.16 -5.45
C GLU B 286 19.35 3.05 -5.44
N LEU B 287 19.51 3.76 -4.33
CA LEU B 287 20.72 4.56 -4.12
C LEU B 287 21.90 3.63 -3.76
N ILE B 288 21.63 2.71 -2.84
CA ILE B 288 22.62 1.73 -2.37
C ILE B 288 21.84 0.41 -2.53
N SER B 289 22.39 -0.53 -3.31
CA SER B 289 21.70 -1.82 -3.47
C SER B 289 22.51 -2.89 -2.76
N ILE B 290 21.97 -3.43 -1.67
CA ILE B 290 22.68 -4.45 -0.92
C ILE B 290 22.14 -5.80 -1.41
N LYS B 291 23.08 -6.61 -1.88
CA LYS B 291 22.75 -7.93 -2.48
C LYS B 291 23.72 -8.99 -1.90
N SER B 292 23.81 -9.02 -0.58
CA SER B 292 24.66 -9.97 0.20
C SER B 292 24.39 -9.75 1.66
N GLY B 293 25.01 -10.53 2.53
CA GLY B 293 24.63 -10.50 3.94
C GLY B 293 25.58 -9.81 4.89
N ASP B 294 25.07 -9.48 6.08
CA ASP B 294 25.88 -9.01 7.22
C ASP B 294 26.56 -7.63 6.96
N ASN B 295 25.95 -6.82 6.14
CA ASN B 295 26.50 -5.46 5.82
C ASN B 295 26.03 -4.39 6.76
N THR B 296 26.80 -3.31 6.83
CA THR B 296 26.46 -2.15 7.71
C THR B 296 26.31 -0.97 6.81
N ILE B 297 25.16 -0.30 6.88
CA ILE B 297 24.96 0.87 6.00
C ILE B 297 24.51 1.96 6.96
N SER B 298 25.49 2.73 7.50
CA SER B 298 25.22 3.45 8.75
C SER B 298 25.92 4.80 8.80
N GLY B 299 25.25 5.78 9.42
CA GLY B 299 25.85 7.10 9.59
C GLY B 299 26.13 7.92 8.37
N ASN B 300 25.48 7.58 7.24
CA ASN B 300 25.62 8.39 6.04
C ASN B 300 24.64 9.58 6.06
N THR B 301 25.03 10.70 5.45
CA THR B 301 24.09 11.78 5.18
C THR B 301 23.71 11.74 3.73
N ILE B 302 22.40 11.66 3.48
CA ILE B 302 21.87 11.48 2.14
C ILE B 302 20.97 12.67 1.90
N PHE B 303 21.44 13.61 1.07
CA PHE B 303 20.75 14.91 0.97
C PHE B 303 20.15 15.09 -0.43
N GLN B 304 18.85 15.37 -0.51
CA GLN B 304 18.17 15.66 -1.77
C GLN B 304 18.47 14.56 -2.78
N SER B 305 18.46 13.30 -2.33
CA SER B 305 18.76 12.20 -3.30
C SER B 305 17.47 11.42 -3.61
N ALA B 306 17.04 11.42 -4.88
CA ALA B 306 15.80 10.73 -5.23
C ALA B 306 16.11 9.24 -5.53
N ALA B 307 16.47 8.49 -4.48
CA ALA B 307 16.93 7.11 -4.60
C ALA B 307 16.99 6.60 -3.15
N LEU B 308 16.64 5.33 -2.91
CA LEU B 308 16.52 4.83 -1.55
C LEU B 308 17.64 3.84 -1.19
N ILE B 309 17.92 3.72 0.11
CA ILE B 309 18.78 2.59 0.55
C ILE B 309 17.93 1.35 0.31
N SER B 310 18.48 0.36 -0.39
CA SER B 310 17.62 -0.77 -0.79
C SER B 310 18.26 -2.08 -0.34
N LEU B 311 17.58 -2.80 0.55
CA LEU B 311 18.10 -4.12 0.98
C LEU B 311 17.42 -5.06 0.01
N ARG B 312 18.12 -5.35 -1.05
CA ARG B 312 17.51 -5.93 -2.26
C ARG B 312 17.58 -7.48 -2.22
N HIS B 313 18.75 -8.02 -1.91
CA HIS B 313 18.88 -9.49 -1.63
C HIS B 313 19.83 -9.69 -0.46
N GLY B 314 19.70 -10.83 0.24
CA GLY B 314 20.69 -11.12 1.30
C GLY B 314 20.14 -10.81 2.67
N LYS B 315 20.75 -11.39 3.72
CA LYS B 315 20.19 -11.45 5.04
C LYS B 315 20.99 -10.70 6.10
N GLY B 316 20.31 -10.18 7.14
CA GLY B 316 21.00 -9.70 8.33
C GLY B 316 21.81 -8.43 8.09
N ASN B 317 21.26 -7.50 7.29
CA ASN B 317 21.93 -6.19 7.08
C ASN B 317 21.39 -5.19 8.06
N THR B 318 22.20 -4.21 8.43
CA THR B 318 21.84 -3.23 9.46
C THR B 318 21.94 -1.83 8.84
N VAL B 319 20.89 -1.02 9.03
CA VAL B 319 20.85 0.32 8.48
C VAL B 319 20.57 1.21 9.70
N GLU B 320 21.57 1.96 10.14
CA GLU B 320 21.51 2.59 11.44
C GLU B 320 22.12 3.96 11.41
N ASN B 321 21.53 4.90 12.18
CA ASN B 321 22.12 6.25 12.40
C ASN B 321 22.35 7.07 11.13
N ASN B 322 21.60 6.82 10.05
CA ASN B 322 21.73 7.64 8.88
C ASN B 322 20.88 8.90 9.01
N MET B 323 21.28 9.97 8.33
CA MET B 323 20.49 11.20 8.24
C MET B 323 20.07 11.34 6.78
N ILE B 324 18.80 11.10 6.55
CA ILE B 324 18.29 11.16 5.17
C ILE B 324 17.41 12.42 5.11
N LEU B 325 17.95 13.42 4.45
CA LEU B 325 17.35 14.76 4.42
C LEU B 325 16.87 15.05 3.00
N GLY B 326 15.60 14.74 2.71
CA GLY B 326 15.08 14.89 1.35
C GLY B 326 14.94 16.33 0.93
N ASN B 327 14.79 17.21 1.92
CA ASN B 327 14.70 18.67 1.67
C ASN B 327 13.58 19.05 0.74
N GLU B 328 12.48 18.32 0.87
CA GLU B 328 11.27 18.48 0.02
C GLU B 328 11.44 18.15 -1.46
N LYS B 329 12.52 17.49 -1.84
CA LYS B 329 12.73 17.14 -3.26
C LYS B 329 11.84 15.96 -3.66
N ARG B 330 11.24 16.03 -4.86
CA ARG B 330 10.34 14.95 -5.32
C ARG B 330 11.12 13.60 -5.34
N LEU B 331 10.44 12.55 -4.90
CA LEU B 331 10.88 11.14 -5.05
C LEU B 331 12.10 10.80 -4.18
N THR B 332 12.28 11.54 -3.08
CA THR B 332 13.27 11.24 -2.04
C THR B 332 12.62 10.22 -1.13
N GLY B 333 13.39 9.58 -0.26
CA GLY B 333 12.83 8.51 0.54
C GLY B 333 13.93 7.89 1.35
N GLY B 334 13.57 6.96 2.21
CA GLY B 334 14.56 6.38 3.17
C GLY B 334 15.09 5.02 2.68
N ILE B 335 14.36 3.96 3.05
CA ILE B 335 14.89 2.59 3.01
C ILE B 335 13.78 1.70 2.49
N ARG B 336 14.11 0.84 1.53
CA ARG B 336 13.15 -0.18 1.05
C ARG B 336 13.77 -1.57 1.30
N ILE B 337 12.89 -2.56 1.58
CA ILE B 337 13.32 -3.79 2.28
C ILE B 337 12.75 -5.10 1.68
N TYR B 338 13.65 -5.99 1.26
CA TYR B 338 13.34 -7.36 0.92
C TYR B 338 14.20 -8.27 1.81
N ASP B 339 13.84 -9.55 1.84
CA ASP B 339 14.65 -10.57 2.51
C ASP B 339 14.59 -10.47 4.04
N GLU B 340 15.48 -11.22 4.73
CA GLU B 340 15.25 -11.48 6.14
C GLU B 340 16.26 -10.93 7.12
N ASP B 341 15.82 -10.73 8.39
CA ASP B 341 16.68 -10.60 9.55
C ASP B 341 17.38 -9.24 9.64
N HIS B 342 16.89 -8.22 8.94
CA HIS B 342 17.52 -6.89 8.92
C HIS B 342 17.13 -6.10 10.15
N VAL B 343 17.99 -5.14 10.48
CA VAL B 343 17.77 -4.21 11.61
C VAL B 343 17.82 -2.80 11.06
N ILE B 344 16.75 -2.06 11.29
CA ILE B 344 16.62 -0.70 10.80
C ILE B 344 16.44 0.15 12.08
N ARG B 345 17.51 0.84 12.50
CA ARG B 345 17.49 1.45 13.82
C ARG B 345 18.08 2.84 13.86
N ASN B 346 17.41 3.76 14.61
CA ASN B 346 17.94 5.10 14.84
C ASN B 346 18.30 5.90 13.61
N ASN B 347 17.51 5.79 12.52
CA ASN B 347 17.67 6.67 11.39
C ASN B 347 16.79 7.90 11.56
N TYR B 348 17.24 9.02 10.98
CA TYR B 348 16.45 10.25 11.01
C TYR B 348 16.18 10.60 9.56
N ILE B 349 14.91 10.57 9.19
CA ILE B 349 14.49 10.66 7.80
C ILE B 349 13.49 11.81 7.76
N ALA B 350 13.81 12.85 6.98
CA ALA B 350 13.07 14.09 7.07
C ALA B 350 12.75 14.68 5.70
N ASN B 351 11.53 15.24 5.61
CA ASN B 351 11.13 16.09 4.45
C ASN B 351 11.21 15.34 3.13
N THR B 352 10.93 14.04 3.19
CA THR B 352 10.91 13.28 1.93
C THR B 352 9.54 13.38 1.24
N ARG B 353 9.51 13.10 -0.07
CA ARG B 353 8.29 13.30 -0.88
C ARG B 353 8.11 12.22 -1.92
N GLY B 354 6.84 11.89 -2.24
CA GLY B 354 6.54 11.03 -3.39
C GLY B 354 6.42 9.54 -3.06
N ARG B 355 5.56 8.85 -3.83
CA ARG B 355 5.28 7.46 -3.49
C ARG B 355 5.66 6.58 -4.66
N ASP B 356 5.38 7.01 -5.89
CA ASP B 356 5.52 6.08 -7.03
C ASP B 356 6.61 6.55 -7.97
N GLY B 357 7.63 5.71 -8.23
CA GLY B 357 8.67 6.07 -9.17
C GLY B 357 8.13 6.18 -10.59
N VAL B 358 8.88 6.82 -11.46
CA VAL B 358 8.36 7.11 -12.82
C VAL B 358 8.35 5.88 -13.75
N ILE B 359 9.21 4.91 -13.50
CA ILE B 359 9.22 3.69 -14.32
C ILE B 359 8.40 2.61 -13.61
N GLU B 360 7.37 2.13 -14.31
CA GLU B 360 6.50 1.09 -13.76
C GLU B 360 7.05 -0.34 -13.91
N GLY B 361 6.59 -1.25 -13.06
CA GLY B 361 6.97 -2.64 -13.18
C GLY B 361 8.21 -3.06 -12.40
N ASN B 362 8.81 -2.11 -11.66
CA ASN B 362 10.04 -2.35 -10.91
C ASN B 362 9.82 -2.21 -9.41
N ALA B 363 8.55 -2.36 -8.99
CA ALA B 363 8.16 -2.31 -7.56
C ALA B 363 8.71 -1.04 -6.89
N ASP B 364 8.77 0.04 -7.65
CA ASP B 364 9.38 1.29 -7.15
C ASP B 364 8.36 2.10 -6.32
N LEU B 365 8.25 1.72 -5.06
CA LEU B 365 7.31 2.31 -4.12
C LEU B 365 8.19 2.98 -3.10
N ARG B 366 7.97 4.29 -2.88
CA ARG B 366 8.90 5.04 -2.05
C ARG B 366 8.20 5.53 -0.80
N GLY B 367 9.02 5.91 0.17
CA GLY B 367 8.54 6.50 1.44
C GLY B 367 9.72 6.48 2.41
N GLY B 368 9.50 6.81 3.68
CA GLY B 368 10.60 6.79 4.65
C GLY B 368 11.16 5.39 4.88
N ILE B 369 10.26 4.44 5.12
CA ILE B 369 10.68 3.03 5.30
C ILE B 369 9.61 2.18 4.62
N VAL B 370 10.01 1.38 3.61
CA VAL B 370 9.01 0.65 2.77
C VAL B 370 9.23 -0.83 2.99
N ILE B 371 8.19 -1.52 3.48
CA ILE B 371 8.26 -2.97 3.65
C ILE B 371 7.67 -3.62 2.40
N ASN B 372 8.55 -4.07 1.50
CA ASN B 372 8.12 -4.45 0.13
C ASN B 372 7.30 -5.71 0.21
N THR B 373 6.35 -5.90 -0.72
CA THR B 373 5.81 -7.27 -0.97
C THR B 373 6.88 -8.10 -1.71
N GLY B 374 6.76 -9.43 -1.64
CA GLY B 374 7.60 -10.26 -2.44
C GLY B 374 6.77 -11.41 -3.01
N ILE B 375 7.49 -12.38 -3.58
CA ILE B 375 6.81 -13.40 -4.41
C ILE B 375 6.88 -14.80 -3.79
N ILE B 376 7.33 -14.90 -2.56
CA ILE B 376 7.43 -16.18 -1.85
C ILE B 376 6.72 -16.13 -0.50
N ASP B 377 6.11 -17.27 -0.18
CA ASP B 377 5.47 -17.44 1.14
C ASP B 377 6.42 -17.72 2.32
N VAL B 378 7.13 -16.68 2.77
CA VAL B 378 8.10 -16.81 3.86
C VAL B 378 7.48 -17.23 5.20
N ALA B 379 6.19 -16.91 5.38
CA ALA B 379 5.41 -17.24 6.59
C ALA B 379 5.38 -18.78 6.76
N ASN B 380 5.44 -19.46 5.61
CA ASN B 380 5.56 -20.94 5.57
C ASN B 380 6.91 -21.47 5.16
N GLY B 381 7.95 -20.63 5.32
CA GLY B 381 9.35 -21.03 5.12
C GLY B 381 9.85 -21.09 3.68
N GLU B 382 9.06 -20.61 2.71
CA GLU B 382 9.49 -20.62 1.31
C GLU B 382 10.75 -19.72 1.13
N GLN B 383 11.64 -20.13 0.23
CA GLN B 383 12.93 -19.41 -0.02
C GLN B 383 13.02 -19.06 -1.50
N LEU B 384 13.82 -18.06 -1.88
CA LEU B 384 14.25 -18.06 -3.28
C LEU B 384 15.33 -19.18 -3.45
N ASP B 385 15.37 -19.68 -4.65
CA ASP B 385 16.17 -20.85 -4.94
C ASP B 385 16.39 -20.86 -6.43
N GLN B 386 17.67 -20.89 -6.79
CA GLN B 386 18.06 -20.87 -8.17
C GLN B 386 17.46 -22.01 -9.04
N SER B 387 17.11 -23.14 -8.41
CA SER B 387 16.51 -24.31 -9.11
C SER B 387 15.03 -24.16 -9.39
N VAL B 388 14.36 -23.36 -8.56
CA VAL B 388 12.90 -23.26 -8.65
C VAL B 388 12.52 -22.19 -9.64
N LYS B 389 11.90 -22.59 -10.75
CA LYS B 389 11.64 -21.65 -11.84
C LYS B 389 10.69 -20.55 -11.38
N GLY B 390 10.93 -19.31 -11.82
CA GLY B 390 10.18 -18.16 -11.31
C GLY B 390 10.51 -17.67 -9.89
N LYS B 391 11.30 -18.44 -9.12
CA LYS B 391 11.67 -18.02 -7.75
C LYS B 391 13.19 -18.00 -7.55
N GLU B 392 13.89 -17.56 -8.57
CA GLU B 392 15.34 -17.60 -8.67
C GLU B 392 15.90 -16.51 -7.72
N LEU B 393 17.22 -16.53 -7.51
CA LEU B 393 17.83 -15.67 -6.48
C LEU B 393 17.74 -14.17 -6.87
N ASN B 394 17.52 -13.87 -8.15
CA ASN B 394 17.40 -12.46 -8.56
C ASN B 394 15.96 -11.93 -8.46
N LYS B 395 15.05 -12.72 -7.89
CA LYS B 395 13.65 -12.26 -7.81
C LYS B 395 13.42 -11.53 -6.46
N GLN B 396 12.25 -11.66 -5.86
CA GLN B 396 11.87 -10.76 -4.75
C GLN B 396 11.53 -11.56 -3.51
N TRP B 397 12.45 -11.54 -2.55
CA TRP B 397 12.30 -12.32 -1.30
C TRP B 397 11.42 -11.51 -0.33
N THR B 398 10.19 -11.98 -0.09
CA THR B 398 9.30 -11.32 0.90
C THR B 398 10.02 -11.06 2.23
N PRO B 399 9.97 -9.81 2.73
CA PRO B 399 10.70 -9.56 3.97
C PRO B 399 10.16 -10.39 5.18
N LYS B 400 11.06 -10.80 6.05
CA LYS B 400 10.68 -11.49 7.27
C LYS B 400 11.63 -11.19 8.38
N ASN B 401 11.10 -11.07 9.63
CA ASN B 401 11.91 -10.89 10.82
C ASN B 401 12.77 -9.63 10.73
N ILE B 402 12.08 -8.51 10.57
CA ILE B 402 12.76 -7.21 10.41
C ILE B 402 12.51 -6.44 11.71
N THR B 403 13.56 -5.90 12.32
CA THR B 403 13.43 -5.07 13.49
C THR B 403 13.48 -3.63 13.03
N ILE B 404 12.46 -2.83 13.36
CA ILE B 404 12.39 -1.43 12.91
C ILE B 404 12.18 -0.61 14.16
N GLU B 405 13.25 -0.03 14.67
CA GLU B 405 13.17 0.55 16.02
C GLU B 405 13.83 1.91 16.13
N ASN B 406 13.22 2.77 16.95
CA ASN B 406 13.80 4.05 17.28
C ASN B 406 14.19 4.91 16.07
N ASN B 407 13.36 4.91 15.02
CA ASN B 407 13.57 5.79 13.93
C ASN B 407 12.72 7.02 14.13
N SER B 408 13.20 8.19 13.66
CA SER B 408 12.36 9.40 13.63
C SER B 408 12.12 9.75 12.17
N LEU B 409 10.84 9.79 11.77
CA LEU B 409 10.48 10.20 10.41
C LEU B 409 9.79 11.54 10.62
N VAL B 410 10.34 12.59 10.02
CA VAL B 410 9.82 13.95 10.31
C VAL B 410 9.37 14.55 8.99
N ASP B 411 8.10 14.91 8.90
CA ASP B 411 7.57 15.58 7.71
C ASP B 411 7.84 14.71 6.47
N THR B 412 7.50 13.42 6.55
CA THR B 412 7.68 12.50 5.44
C THR B 412 6.31 12.33 4.80
N GLU B 413 6.16 12.70 3.53
CA GLU B 413 4.84 12.64 2.84
C GLU B 413 4.26 11.24 2.89
N TRP B 414 5.15 10.24 2.73
CA TRP B 414 4.78 8.82 2.93
C TRP B 414 5.76 8.26 3.96
N GLY B 415 5.29 7.91 5.16
CA GLY B 415 6.20 7.58 6.26
C GLY B 415 6.65 6.13 6.24
N ILE B 416 6.01 5.31 7.04
CA ILE B 416 6.27 3.85 7.00
C ILE B 416 5.22 3.28 6.06
N VAL B 417 5.63 2.66 4.95
CA VAL B 417 4.68 2.29 3.90
C VAL B 417 4.69 0.77 3.89
N TYR B 418 3.52 0.17 4.11
CA TYR B 418 3.47 -1.30 3.99
C TYR B 418 3.19 -1.63 2.55
N GLY B 419 4.07 -2.45 1.93
CA GLY B 419 4.06 -2.63 0.50
C GLY B 419 2.81 -3.21 -0.12
N ASN B 420 2.58 -2.85 -1.38
CA ASN B 420 1.49 -3.45 -2.17
C ASN B 420 1.92 -3.67 -3.61
N GLN B 421 3.23 -3.77 -3.84
CA GLN B 421 3.71 -3.80 -5.23
C GLN B 421 3.32 -5.09 -5.90
N SER B 422 3.03 -4.97 -7.20
N SER B 422 3.03 -4.98 -7.18
CA SER B 422 3.00 -6.12 -8.12
CA SER B 422 3.03 -6.15 -8.05
C SER B 422 4.43 -6.29 -8.67
C SER B 422 4.49 -6.37 -8.46
N HIS B 423 4.75 -7.50 -9.12
CA HIS B 423 6.12 -7.85 -9.58
C HIS B 423 6.00 -8.54 -10.94
N ARG B 424 6.95 -8.26 -11.80
CA ARG B 424 7.05 -8.85 -13.14
C ARG B 424 8.04 -10.03 -13.11
N VAL B 425 7.95 -10.92 -14.08
CA VAL B 425 8.82 -12.10 -14.05
C VAL B 425 10.30 -11.72 -13.99
N SER B 426 10.68 -10.78 -14.84
CA SER B 426 12.07 -10.30 -14.83
C SER B 426 12.13 -8.86 -15.35
N LEU B 427 13.34 -8.29 -15.40
CA LEU B 427 13.49 -6.95 -15.98
C LEU B 427 13.14 -6.95 -17.47
N PHE B 428 13.22 -8.14 -18.07
CA PHE B 428 13.03 -8.27 -19.55
C PHE B 428 11.69 -8.89 -19.95
N ASN B 429 11.03 -9.55 -19.00
CA ASN B 429 9.75 -10.17 -19.22
C ASN B 429 8.67 -9.42 -18.41
N ASN B 430 7.76 -8.75 -19.11
CA ASN B 430 6.76 -7.91 -18.46
C ASN B 430 5.54 -8.62 -17.91
N ALA B 431 5.52 -9.96 -17.96
CA ALA B 431 4.37 -10.69 -17.37
C ALA B 431 4.35 -10.45 -15.84
N GLU B 432 3.16 -10.27 -15.28
CA GLU B 432 3.03 -10.21 -13.81
C GLU B 432 3.05 -11.55 -13.14
N VAL B 433 3.71 -11.60 -12.01
CA VAL B 433 3.81 -12.80 -11.21
C VAL B 433 2.49 -12.92 -10.46
N GLU B 434 1.99 -14.13 -10.30
CA GLU B 434 0.79 -14.31 -9.50
C GLU B 434 1.23 -14.93 -8.19
N GLY B 435 0.68 -14.45 -7.09
CA GLY B 435 1.14 -14.97 -5.81
C GLY B 435 2.06 -13.97 -5.11
N ILE B 436 1.47 -13.01 -4.42
CA ILE B 436 2.27 -11.87 -3.91
C ILE B 436 2.04 -11.88 -2.41
N TYR B 437 3.09 -11.67 -1.63
CA TYR B 437 3.01 -11.82 -0.16
C TYR B 437 3.45 -10.58 0.62
N ALA B 438 2.79 -10.31 1.75
CA ALA B 438 3.19 -9.18 2.62
C ALA B 438 4.31 -9.57 3.58
N GLY B 439 5.02 -8.56 4.10
CA GLY B 439 6.04 -8.79 5.08
C GLY B 439 5.55 -9.51 6.33
N VAL B 440 6.46 -10.31 6.90
CA VAL B 440 6.17 -11.23 7.99
C VAL B 440 7.06 -10.95 9.17
N ASP B 441 6.49 -11.01 10.39
CA ASP B 441 7.27 -10.85 11.62
C ASP B 441 8.06 -9.51 11.60
N ILE B 442 7.34 -8.44 11.29
CA ILE B 442 7.93 -7.11 11.28
C ILE B 442 7.69 -6.50 12.68
N ALA B 443 8.74 -6.22 13.40
CA ALA B 443 8.61 -5.75 14.78
C ALA B 443 8.95 -4.28 14.83
N PHE B 444 7.95 -3.46 15.14
CA PHE B 444 8.09 -2.01 15.19
C PHE B 444 8.17 -1.60 16.65
N LYS B 445 9.22 -0.85 17.05
CA LYS B 445 9.29 -0.37 18.43
C LYS B 445 9.87 1.05 18.51
N HIS B 446 9.25 1.90 19.33
CA HIS B 446 9.80 3.21 19.65
C HIS B 446 10.06 4.13 18.45
N ASN B 447 9.36 3.89 17.33
CA ASN B 447 9.43 4.82 16.19
C ASN B 447 8.54 6.03 16.43
N VAL B 448 8.96 7.17 15.91
CA VAL B 448 8.17 8.37 15.92
C VAL B 448 7.96 8.77 14.46
N VAL B 449 6.70 8.87 14.02
CA VAL B 449 6.48 9.44 12.69
C VAL B 449 5.74 10.74 12.91
N ASP B 450 6.39 11.86 12.63
CA ASP B 450 5.90 13.16 13.11
C ASP B 450 5.50 13.98 11.90
N ASN B 451 4.22 13.88 11.55
CA ASN B 451 3.66 14.74 10.52
C ASN B 451 2.74 15.83 11.16
N SER B 452 3.09 16.33 12.33
N SER B 452 3.16 16.34 12.33
CA SER B 452 2.31 17.43 12.91
CA SER B 452 2.52 17.48 13.03
C SER B 452 2.25 18.63 11.97
C SER B 452 2.42 18.74 12.21
N GLN B 453 3.34 18.90 11.25
CA GLN B 453 3.39 20.08 10.42
C GLN B 453 2.36 20.01 9.31
N THR B 454 2.22 18.86 8.64
CA THR B 454 1.23 18.70 7.54
C THR B 454 0.56 17.33 7.81
N PRO B 455 -0.46 17.32 8.68
CA PRO B 455 -1.00 16.03 9.11
C PRO B 455 -1.82 15.33 8.01
N GLU B 456 -1.99 15.96 6.86
CA GLU B 456 -2.63 15.25 5.74
C GLU B 456 -1.66 14.29 5.11
N PHE B 457 -0.37 14.42 5.43
CA PHE B 457 0.63 13.48 4.90
C PHE B 457 0.37 12.12 5.54
N VAL B 458 0.76 11.06 4.84
CA VAL B 458 0.49 9.68 5.38
C VAL B 458 1.70 9.18 6.19
N SER B 459 1.52 9.15 7.50
CA SER B 459 2.59 8.73 8.41
C SER B 459 2.79 7.21 8.35
N VAL B 460 1.68 6.45 8.35
CA VAL B 460 1.79 4.99 8.19
C VAL B 460 0.80 4.52 7.13
N ARG B 461 1.32 3.83 6.08
CA ARG B 461 0.42 3.39 5.01
C ARG B 461 0.17 1.89 5.16
N ALA B 462 -0.81 1.51 6.01
CA ALA B 462 -1.23 0.09 6.05
C ALA B 462 -2.23 -0.18 4.93
N THR B 463 -2.41 -1.48 4.60
CA THR B 463 -3.32 -1.78 3.51
C THR B 463 -3.93 -3.15 3.65
N HIS B 464 -5.28 -3.23 3.61
CA HIS B 464 -5.95 -4.52 3.66
C HIS B 464 -5.66 -5.38 2.46
N ASP B 465 -5.14 -4.78 1.40
CA ASP B 465 -4.75 -5.60 0.23
C ASP B 465 -3.59 -6.56 0.57
N PHE B 466 -2.69 -6.11 1.43
CA PHE B 466 -1.52 -6.89 1.88
C PHE B 466 -1.26 -6.68 3.36
N PRO B 467 -2.05 -7.33 4.24
CA PRO B 467 -1.88 -7.18 5.68
C PRO B 467 -0.55 -7.77 6.09
N LEU B 468 0.21 -7.06 6.91
CA LEU B 468 1.41 -7.67 7.44
C LEU B 468 1.01 -8.91 8.25
N VAL B 469 1.86 -9.93 8.25
CA VAL B 469 1.64 -11.15 9.06
C VAL B 469 2.56 -11.12 10.26
N GLY B 470 1.97 -11.24 11.46
CA GLY B 470 2.78 -11.32 12.69
C GLY B 470 3.50 -10.02 13.02
N ALA B 471 2.95 -8.89 12.60
CA ALA B 471 3.58 -7.61 12.92
C ALA B 471 3.33 -7.28 14.42
N THR B 472 4.33 -6.74 15.11
CA THR B 472 4.15 -6.28 16.50
C THR B 472 4.48 -4.78 16.68
N TYR B 473 3.83 -4.13 17.64
CA TYR B 473 3.92 -2.66 17.84
C TYR B 473 4.20 -2.40 19.29
N THR B 474 5.35 -1.81 19.60
CA THR B 474 5.66 -1.46 20.98
C THR B 474 5.95 0.01 21.09
N ASP B 475 5.10 0.78 21.78
CA ASP B 475 5.34 2.22 22.02
C ASP B 475 5.65 2.99 20.74
N GLU B 476 4.80 2.80 19.75
CA GLU B 476 4.91 3.56 18.48
C GLU B 476 4.14 4.89 18.64
N THR B 477 4.58 5.95 17.95
CA THR B 477 3.93 7.25 17.95
C THR B 477 3.79 7.69 16.50
N TYR B 478 2.55 7.75 16.01
CA TYR B 478 2.27 8.16 14.64
C TYR B 478 1.36 9.35 14.64
N VAL B 479 1.87 10.47 14.15
CA VAL B 479 1.11 11.73 14.06
C VAL B 479 0.91 12.09 12.59
N GLY B 480 -0.35 12.19 12.14
CA GLY B 480 -0.66 12.31 10.73
C GLY B 480 -1.52 11.13 10.26
N GLN B 481 -1.88 11.12 8.97
CA GLN B 481 -2.82 10.13 8.43
C GLN B 481 -2.27 8.74 8.60
N VAL B 482 -3.11 7.81 9.03
CA VAL B 482 -2.74 6.38 9.06
C VAL B 482 -3.81 5.63 8.24
N THR B 483 -3.42 4.98 7.15
CA THR B 483 -4.43 4.35 6.25
C THR B 483 -4.67 2.95 6.82
N ASP B 484 -5.91 2.45 6.71
CA ASP B 484 -6.26 1.11 7.22
C ASP B 484 -5.76 0.87 8.64
N SER B 485 -5.95 1.90 9.49
CA SER B 485 -5.32 1.95 10.79
C SER B 485 -5.82 0.82 11.69
N GLU B 486 -7.00 0.28 11.34
CA GLU B 486 -7.56 -0.83 12.14
C GLU B 486 -6.66 -2.07 12.09
N LEU B 487 -5.73 -2.11 11.13
CA LEU B 487 -4.76 -3.23 11.03
C LEU B 487 -3.65 -3.18 12.10
N ILE B 488 -3.53 -2.05 12.78
CA ILE B 488 -2.43 -1.81 13.70
C ILE B 488 -2.95 -1.96 15.10
N GLU B 489 -2.29 -2.82 15.89
CA GLU B 489 -2.74 -3.14 17.27
C GLU B 489 -2.91 -1.90 18.14
N SER B 490 -1.90 -1.06 18.22
CA SER B 490 -2.05 0.21 18.94
C SER B 490 -0.86 1.07 18.64
N TYR B 491 -1.06 2.37 18.81
CA TYR B 491 -0.04 3.36 18.68
C TYR B 491 -0.53 4.61 19.36
N SER B 492 0.39 5.49 19.72
CA SER B 492 0.00 6.76 20.27
C SER B 492 -0.08 7.85 19.18
N VAL B 493 -1.03 8.79 19.32
CA VAL B 493 -1.11 9.96 18.45
C VAL B 493 -0.63 11.24 19.15
N GLU B 494 -0.02 11.11 20.31
CA GLU B 494 0.50 12.29 21.01
C GLU B 494 2.00 12.29 21.05
N LEU B 495 2.63 13.29 20.45
CA LEU B 495 4.10 13.42 20.50
C LEU B 495 4.58 13.57 21.91
N PRO B 496 5.66 12.87 22.28
CA PRO B 496 6.23 13.25 23.57
C PRO B 496 6.87 14.64 23.46
N LYS B 497 7.45 15.14 24.56
CA LYS B 497 8.13 16.45 24.59
C LYS B 497 9.17 16.51 23.48
N VAL B 498 9.07 17.53 22.66
CA VAL B 498 10.03 17.74 21.58
C VAL B 498 11.03 18.82 21.93
N THR B 499 12.32 18.49 21.87
CA THR B 499 13.36 19.53 21.95
C THR B 499 14.16 19.60 20.64
N VAL B 500 14.76 20.75 20.36
CA VAL B 500 15.67 20.82 19.23
C VAL B 500 17.13 20.77 19.69
N GLU B 501 17.77 19.61 19.48
CA GLU B 501 19.15 19.37 19.91
C GLU B 501 20.15 19.30 18.73
N ASN B 502 20.90 20.40 18.58
CA ASN B 502 21.73 20.69 17.39
C ASN B 502 20.92 20.46 16.09
N GLY B 503 19.74 21.09 16.00
CA GLY B 503 19.00 21.27 14.74
C GLY B 503 18.04 20.10 14.45
N LEU B 504 18.31 18.96 15.09
CA LEU B 504 17.44 17.81 15.00
C LEU B 504 16.30 17.86 16.02
N ASN B 505 15.13 17.33 15.66
CA ASN B 505 14.10 17.01 16.68
C ASN B 505 14.49 15.83 17.56
N ALA B 506 14.41 16.00 18.87
CA ALA B 506 14.65 14.92 19.83
C ALA B 506 13.29 14.74 20.50
N TYR B 507 12.79 13.50 20.53
CA TYR B 507 11.51 13.20 21.11
C TYR B 507 11.76 12.52 22.44
N GLN B 508 11.26 13.06 23.55
CA GLN B 508 11.62 12.45 24.85
C GLN B 508 11.32 10.96 24.95
N GLY B 509 12.35 10.16 25.16
CA GLY B 509 12.20 8.74 25.36
C GLY B 509 11.81 7.86 24.16
N GLU B 510 11.71 8.45 22.96
CA GLU B 510 11.27 7.72 21.74
C GLU B 510 12.00 8.17 20.50
N GLY B 511 11.84 7.43 19.41
CA GLY B 511 12.43 7.91 18.16
C GLY B 511 13.94 7.80 18.19
N ALA B 512 14.54 8.46 17.20
CA ALA B 512 16.02 8.39 17.04
C ALA B 512 16.72 9.16 18.16
N ASP B 513 17.67 8.50 18.81
CA ASP B 513 18.49 9.17 19.83
C ASP B 513 19.42 10.10 19.09
N VAL B 514 19.29 11.43 19.32
CA VAL B 514 20.06 12.42 18.55
C VAL B 514 21.55 12.40 18.94
N SER B 515 21.89 11.75 20.05
CA SER B 515 23.30 11.60 20.47
C SER B 515 24.07 10.69 19.54
N LYS B 516 23.33 9.88 18.75
CA LYS B 516 23.96 8.93 17.82
C LYS B 516 24.01 9.50 16.38
N LEU B 517 23.50 10.72 16.20
CA LEU B 517 23.32 11.26 14.84
C LEU B 517 24.20 12.47 14.63
N SER B 518 24.75 12.59 13.44
CA SER B 518 25.38 13.85 13.07
C SER B 518 25.53 14.01 11.58
N VAL B 519 25.43 15.24 11.08
CA VAL B 519 25.48 15.48 9.64
C VAL B 519 26.95 15.33 9.18
N VAL B 520 27.16 14.53 8.13
CA VAL B 520 28.47 14.42 7.51
C VAL B 520 28.64 15.63 6.54
N THR B 521 29.77 16.32 6.68
CA THR B 521 30.13 17.38 5.73
C THR B 521 31.58 17.10 5.23
N ALA B 522 31.98 17.92 4.27
CA ALA B 522 33.34 17.91 3.72
C ALA B 522 34.42 18.17 4.80
N GLU B 523 34.02 18.51 6.03
CA GLU B 523 34.98 18.53 7.14
C GLU B 523 35.62 17.17 7.38
N THR B 524 34.89 16.09 7.12
CA THR B 524 35.46 14.77 7.23
C THR B 524 35.30 13.94 5.94
N ALA B 525 34.37 14.31 5.07
CA ALA B 525 34.13 13.45 3.90
C ALA B 525 34.85 13.99 2.68
N GLY B 526 35.26 13.06 1.81
CA GLY B 526 35.86 13.43 0.54
C GLY B 526 37.38 13.73 0.66
N PRO B 527 37.99 14.14 -0.46
CA PRO B 527 39.44 14.36 -0.51
C PRO B 527 39.80 15.69 0.18
N ASP B 528 41.09 16.02 0.20
CA ASP B 528 41.53 17.28 0.86
C ASP B 528 41.66 18.47 -0.14
N TYR B 529 41.05 18.34 -1.32
CA TYR B 529 41.13 19.39 -2.34
C TYR B 529 39.84 19.47 -3.13
N VAL B 530 39.62 20.58 -3.80
CA VAL B 530 38.57 20.76 -4.78
C VAL B 530 39.23 21.15 -6.11
N LEU B 531 38.55 20.88 -7.24
CA LEU B 531 39.16 21.10 -8.55
C LEU B 531 38.48 22.27 -9.21
N GLU B 532 39.25 23.07 -9.96
CA GLU B 532 38.69 24.13 -10.81
C GLU B 532 39.02 23.91 -12.27
N ASN B 533 38.20 24.49 -13.13
CA ASN B 533 38.40 24.42 -14.56
C ASN B 533 38.28 22.98 -15.06
N THR B 534 37.36 22.24 -14.43
CA THR B 534 36.93 20.94 -14.95
C THR B 534 35.94 21.09 -16.09
N THR B 535 35.71 19.99 -16.82
CA THR B 535 34.74 19.95 -17.90
C THR B 535 33.91 18.69 -17.72
N LYS B 536 32.59 18.81 -17.81
CA LYS B 536 31.64 17.66 -17.73
C LYS B 536 31.76 16.78 -18.97
#